data_5W3H
#
_entry.id   5W3H
#
_cell.length_a   1.0
_cell.length_b   1.0
_cell.length_c   1.0
_cell.angle_alpha   90.0
_cell.angle_beta   90.0
_cell.angle_gamma   90.0
#
_symmetry.space_group_name_H-M   'P 1'
#
loop_
_entity.id
_entity.type
_entity.pdbx_description
1 polymer 'Tubulin alpha-1 chain'
2 polymer 'Tubulin beta chain'
3 non-polymer "GUANOSINE-5'-TRIPHOSPHATE"
4 non-polymer 'MAGNESIUM ION'
5 non-polymer "GUANOSINE-5'-DIPHOSPHATE"
6 non-polymer 'EPOTHILONE A'
#
loop_
_entity_poly.entity_id
_entity_poly.type
_entity_poly.pdbx_seq_one_letter_code
_entity_poly.pdbx_strand_id
1 'polypeptide(L)'
;MREVISINVGQAGCQIGNACWELYSLEHGIKPDGHLEDGLSKPKGGEEGFSTFFHETGYGKFVPRAIYVDLEPNVIDEVR
NGPYKDLFHPEQLISGKEDAANNYARGHYTVGREILGDVLDRIRKLADQCDGLQGFLFTHSLGGGTGSGLGSLLLEELSA
EYGKKSKLEFAVYPAPQVSTSVVEPYNTVLTTHTTLEHADCTFMVDNEAIYDMCKRNLDIPRPSFANLNNLIAQVVSSVT
ASLRFDGSLNVDLNEFQTNLVPYPRIHFPLVSYSPVLSKSKAFHESNSVSEITNACFEPGNQMVKCDPRDGKYMATCLLY
RGDVVTRDVQRAVEQVKNKKTVQLVDWCPTGFKIGICYEPPTATPNSQLATVDRAVCMLSNTTSIAEAWKRIDRKFDLMY
AKRAFVHWYVGEGMEEGEFTEAREDLAALERDYIEVGADSYAEEEEF
;
A
2 'polypeptide(L)'
;MREIIHISTGQCGNQIGAAFWETICGEHGLDFNGTYHGHDDIQKERLNVYFNEASSGKWVPRSINVDLEPGTIDAVRNSA
IGNLFRPDNYIFGQSSAGNVWAKGHYTEGAELVDSVMDVIRREAEGCDSLQGFQITHSLGGGTGSGMGTLLISKIREEFP
DRMMATFSVLPSPKTSDTVVEPYNATLSVHQLVEHSDETFCIDNEALYDICQRTLKLNQPSYGDLNNLVSSVMSGVTTSL
RYPGQLNSDLRKLAVNLVPFPRLHFFMVGYAPLTAIGSQSFRSLTVPELTQQMFDAKNMMAAADPRNGRYLTVAAFFRGK
VSVKEVEDEMHKVQSKNSDYFVEWIPNNVQTAVCSVAPQGLDMAATFIANSTSIQELFKRVGDQFSAMFKRKAFLHWYTS
EGMDELEFSEAESNMNDLVSEYQQYQEATVEDDEEVDENGDFGAPQNQDEPITENFE
;
B
#
# COMPACT_ATOMS: atom_id res chain seq x y z
N MET A 1 -12.61 27.70 23.42
CA MET A 1 -13.39 26.48 23.59
C MET A 1 -12.57 25.40 24.28
N ARG A 2 -13.23 24.34 24.73
CA ARG A 2 -12.60 23.35 25.61
C ARG A 2 -11.99 22.18 24.82
N GLU A 3 -12.84 21.33 24.25
CA GLU A 3 -12.43 19.99 23.81
C GLU A 3 -12.27 19.88 22.30
N VAL A 4 -11.32 19.05 21.89
CA VAL A 4 -11.08 18.71 20.49
C VAL A 4 -10.84 17.22 20.39
N ILE A 5 -11.45 16.57 19.40
CA ILE A 5 -11.35 15.13 19.21
C ILE A 5 -10.55 14.84 17.94
N SER A 6 -9.55 13.98 18.07
CA SER A 6 -8.73 13.57 16.93
C SER A 6 -9.27 12.28 16.33
N ILE A 7 -9.27 12.22 15.00
CA ILE A 7 -9.73 11.04 14.26
C ILE A 7 -8.67 10.69 13.22
N ASN A 8 -8.22 9.43 13.25
CA ASN A 8 -7.16 8.95 12.36
C ASN A 8 -7.70 7.79 11.54
N VAL A 9 -7.56 7.89 10.21
CA VAL A 9 -8.02 6.85 9.30
C VAL A 9 -6.87 6.40 8.42
N GLY A 10 -6.71 5.09 8.28
CA GLY A 10 -5.69 4.53 7.42
C GLY A 10 -4.35 4.34 8.12
N GLN A 11 -3.47 3.63 7.43
CA GLN A 11 -2.11 3.39 7.93
C GLN A 11 -1.39 4.70 8.21
N ALA A 12 -1.29 5.55 7.19
CA ALA A 12 -0.57 6.82 7.33
C ALA A 12 -1.21 7.69 8.40
N GLY A 13 -2.53 7.81 8.38
CA GLY A 13 -3.20 8.64 9.37
C GLY A 13 -2.99 8.16 10.79
N CYS A 14 -3.03 6.84 10.99
CA CYS A 14 -2.81 6.30 12.33
C CYS A 14 -1.37 6.52 12.79
N GLN A 15 -0.40 6.36 11.90
CA GLN A 15 0.99 6.61 12.28
C GLN A 15 1.20 8.07 12.64
N ILE A 16 0.68 8.98 11.81
CA ILE A 16 0.75 10.41 12.13
C ILE A 16 0.11 10.68 13.48
N GLY A 17 -1.05 10.08 13.74
CA GLY A 17 -1.71 10.27 15.01
C GLY A 17 -0.87 9.80 16.18
N ASN A 18 -0.17 8.67 16.02
CA ASN A 18 0.74 8.21 17.05
C ASN A 18 1.80 9.25 17.36
N ALA A 19 2.44 9.78 16.30
CA ALA A 19 3.46 10.81 16.52
C ALA A 19 2.88 12.04 17.20
N CYS A 20 1.69 12.49 16.75
CA CYS A 20 1.07 13.67 17.31
C CYS A 20 0.78 13.50 18.79
N TRP A 21 0.20 12.34 19.16
CA TRP A 21 -0.14 12.11 20.56
C TRP A 21 1.11 11.99 21.42
N GLU A 22 2.16 11.34 20.90
CA GLU A 22 3.44 11.31 21.59
C GLU A 22 3.94 12.73 21.86
N LEU A 23 3.85 13.60 20.86
CA LEU A 23 4.30 14.98 21.01
C LEU A 23 3.47 15.74 22.03
N TYR A 24 2.15 15.57 22.00
CA TYR A 24 1.29 16.23 22.98
C TYR A 24 1.63 15.77 24.39
N SER A 25 1.82 14.47 24.59
CA SER A 25 2.18 13.96 25.90
C SER A 25 3.52 14.51 26.36
N LEU A 26 4.47 14.67 25.43
CA LEU A 26 5.75 15.28 25.78
C LEU A 26 5.57 16.73 26.21
N GLU A 27 4.77 17.49 25.46
CA GLU A 27 4.58 18.91 25.78
C GLU A 27 3.89 19.08 27.12
N HIS A 28 2.84 18.31 27.38
CA HIS A 28 2.14 18.42 28.65
C HIS A 28 2.80 17.61 29.75
N GLY A 29 3.81 16.81 29.44
CA GLY A 29 4.43 16.01 30.49
C GLY A 29 3.52 14.92 31.02
N ILE A 30 3.08 14.02 30.13
CA ILE A 30 2.26 12.88 30.49
C ILE A 30 3.06 11.61 30.23
N LYS A 31 3.04 10.69 31.19
CA LYS A 31 3.77 9.44 31.07
C LYS A 31 3.12 8.54 30.02
N PRO A 32 3.90 7.65 29.39
CA PRO A 32 3.29 6.65 28.49
C PRO A 32 2.26 5.76 29.14
N ASP A 33 2.21 5.72 30.48
CA ASP A 33 1.16 5.01 31.19
C ASP A 33 -0.10 5.86 31.39
N GLY A 34 -0.11 7.09 30.88
CA GLY A 34 -1.23 7.99 31.09
C GLY A 34 -1.24 8.61 32.48
N HIS A 35 -0.10 9.15 32.91
CA HIS A 35 0.06 9.71 34.23
C HIS A 35 0.53 11.16 34.16
N LEU A 36 -0.04 12.00 35.02
CA LEU A 36 0.34 13.40 35.12
C LEU A 36 1.76 13.61 35.64
N GLU A 37 2.45 12.55 36.08
CA GLU A 37 3.87 12.67 36.37
C GLU A 37 4.60 13.13 35.12
N ASP A 38 5.75 13.80 35.32
CA ASP A 38 6.37 14.72 34.35
C ASP A 38 5.87 16.15 34.56
N GLY A 39 5.23 16.39 35.71
CA GLY A 39 4.88 17.75 36.10
C GLY A 39 3.49 18.17 36.52
N LEU A 40 2.49 17.30 36.42
CA LEU A 40 1.43 17.22 37.42
C LEU A 40 0.43 18.37 37.47
N SER A 41 0.80 19.56 37.02
CA SER A 41 -0.05 20.74 37.13
C SER A 41 0.53 21.81 36.22
N LYS A 42 -0.20 22.94 36.11
CA LYS A 42 0.14 24.09 35.26
C LYS A 42 0.02 23.70 33.78
N PRO A 43 -0.11 24.68 32.87
CA PRO A 43 -0.48 24.35 31.47
C PRO A 43 0.29 23.20 30.85
N LYS A 44 1.54 22.95 31.26
CA LYS A 44 2.20 21.72 30.86
C LYS A 44 1.81 20.70 31.93
N GLY A 45 0.91 19.80 31.58
CA GLY A 45 0.31 18.90 32.54
C GLY A 45 -0.69 19.51 33.50
N GLY A 46 -1.61 20.35 33.00
CA GLY A 46 -2.57 21.01 33.85
C GLY A 46 -3.90 21.19 33.13
N GLU A 47 -4.89 21.67 33.89
CA GLU A 47 -6.25 21.77 33.37
C GLU A 47 -6.33 22.59 32.09
N GLU A 48 -5.46 23.60 31.95
CA GLU A 48 -5.42 24.35 30.70
C GLU A 48 -5.10 23.45 29.52
N GLY A 49 -4.00 22.69 29.62
CA GLY A 49 -3.65 21.78 28.55
C GLY A 49 -4.44 20.49 28.54
N PHE A 50 -4.88 20.02 29.71
CA PHE A 50 -5.64 18.78 29.78
C PHE A 50 -6.98 18.92 29.06
N SER A 51 -7.71 20.01 29.31
CA SER A 51 -8.80 20.37 28.42
C SER A 51 -8.24 20.57 27.02
N THR A 52 -9.06 20.29 26.00
CA THR A 52 -8.52 20.09 24.64
C THR A 52 -7.68 18.83 24.54
N PHE A 53 -8.29 17.76 24.01
CA PHE A 53 -7.77 16.40 24.03
C PHE A 53 -7.92 15.81 25.42
N PHE A 54 -6.81 15.55 26.12
CA PHE A 54 -6.78 14.56 27.18
C PHE A 54 -7.98 14.67 28.11
N HIS A 55 -8.51 13.52 28.49
CA HIS A 55 -9.69 13.41 29.32
C HIS A 55 -9.29 12.73 30.62
N GLU A 56 -9.52 13.41 31.75
CA GLU A 56 -9.14 12.88 33.04
C GLU A 56 -10.19 11.89 33.51
N THR A 57 -9.78 10.64 33.72
CA THR A 57 -10.64 9.59 34.23
C THR A 57 -10.32 9.34 35.70
N GLY A 58 -10.96 8.33 36.28
CA GLY A 58 -10.70 8.00 37.67
C GLY A 58 -9.24 7.68 37.92
N TYR A 59 -8.83 7.89 39.16
CA TYR A 59 -7.46 7.70 39.64
C TYR A 59 -6.47 8.65 38.97
N GLY A 60 -6.96 9.78 38.44
CA GLY A 60 -6.08 10.77 37.85
C GLY A 60 -5.35 10.34 36.60
N LYS A 61 -5.78 9.26 35.95
CA LYS A 61 -5.17 8.81 34.71
C LYS A 61 -5.84 9.46 33.53
N PHE A 62 -5.05 9.88 32.54
CA PHE A 62 -5.52 10.68 31.42
C PHE A 62 -5.56 9.83 30.16
N VAL A 63 -6.73 9.79 29.53
CA VAL A 63 -6.92 9.08 28.26
C VAL A 63 -7.19 10.12 27.18
N PRO A 64 -6.40 10.16 26.11
CA PRO A 64 -6.61 11.17 25.08
C PRO A 64 -7.93 10.94 24.34
N ARG A 65 -8.49 12.01 23.81
CA ARG A 65 -9.68 11.87 22.98
C ARG A 65 -9.16 11.64 21.58
N ALA A 66 -9.20 10.39 21.16
CA ALA A 66 -8.60 9.94 19.91
C ALA A 66 -9.39 8.73 19.43
N ILE A 67 -9.55 8.62 18.12
CA ILE A 67 -10.30 7.53 17.53
C ILE A 67 -9.51 7.00 16.35
N TYR A 68 -9.15 5.73 16.38
CA TYR A 68 -8.34 5.10 15.35
C TYR A 68 -9.24 4.18 14.53
N VAL A 69 -9.31 4.43 13.22
CA VAL A 69 -10.09 3.62 12.31
C VAL A 69 -9.17 3.12 11.21
N ASP A 70 -9.09 1.80 11.06
CA ASP A 70 -8.37 1.20 9.96
C ASP A 70 -9.11 -0.06 9.53
N LEU A 71 -9.30 -0.22 8.22
CA LEU A 71 -9.84 -1.45 7.69
C LEU A 71 -8.82 -2.58 7.69
N GLU A 72 -7.54 -2.26 7.88
CA GLU A 72 -6.48 -3.23 7.97
C GLU A 72 -6.12 -3.44 9.43
N PRO A 73 -6.22 -4.66 9.96
CA PRO A 73 -5.99 -4.84 11.41
C PRO A 73 -4.53 -4.72 11.82
N ASN A 74 -3.59 -4.92 10.89
CA ASN A 74 -2.17 -5.01 11.25
C ASN A 74 -1.67 -3.74 11.91
N VAL A 75 -2.03 -2.57 11.37
CA VAL A 75 -1.56 -1.30 11.91
C VAL A 75 -1.99 -1.15 13.36
N ILE A 76 -3.27 -1.37 13.63
CA ILE A 76 -3.80 -1.15 14.97
C ILE A 76 -3.30 -2.22 15.93
N ASP A 77 -3.03 -3.43 15.44
CA ASP A 77 -2.38 -4.43 16.28
C ASP A 77 -0.98 -3.97 16.68
N GLU A 78 -0.22 -3.45 15.70
CA GLU A 78 1.10 -2.90 15.99
C GLU A 78 1.03 -1.80 17.04
N VAL A 79 0.03 -0.92 16.93
CA VAL A 79 -0.15 0.11 17.95
C VAL A 79 -0.49 -0.53 19.30
N ARG A 80 -1.30 -1.58 19.28
CA ARG A 80 -1.71 -2.24 20.52
C ARG A 80 -0.54 -2.90 21.23
N ASN A 81 0.51 -3.28 20.51
CA ASN A 81 1.68 -3.89 21.13
C ASN A 81 2.82 -2.91 21.37
N GLY A 82 2.66 -1.64 21.03
CA GLY A 82 3.71 -0.66 21.21
C GLY A 82 3.72 -0.06 22.60
N PRO A 83 4.65 0.88 22.85
CA PRO A 83 4.75 1.46 24.20
C PRO A 83 3.54 2.28 24.59
N TYR A 84 2.91 2.95 23.63
CA TYR A 84 1.76 3.83 23.89
C TYR A 84 0.44 3.08 23.85
N LYS A 85 0.47 1.75 23.78
CA LYS A 85 -0.73 0.95 23.93
C LYS A 85 -1.49 1.30 25.20
N ASP A 86 -0.79 1.79 26.23
CA ASP A 86 -1.44 2.08 27.50
C ASP A 86 -2.27 3.37 27.43
N LEU A 87 -1.89 4.31 26.57
CA LEU A 87 -2.41 5.67 26.67
C LEU A 87 -3.93 5.73 26.49
N PHE A 88 -4.47 4.97 25.55
CA PHE A 88 -5.85 5.18 25.11
C PHE A 88 -6.74 4.00 25.46
N HIS A 89 -8.02 4.30 25.57
CA HIS A 89 -9.05 3.30 25.83
C HIS A 89 -9.04 2.25 24.73
N PRO A 90 -8.94 0.96 25.07
CA PRO A 90 -8.88 -0.08 24.02
C PRO A 90 -10.07 -0.08 23.07
N GLU A 91 -11.22 0.46 23.48
CA GLU A 91 -12.40 0.48 22.62
C GLU A 91 -12.39 1.64 21.64
N GLN A 92 -11.42 2.55 21.72
CA GLN A 92 -11.27 3.62 20.75
C GLN A 92 -10.54 3.17 19.50
N LEU A 93 -9.87 2.03 19.54
CA LEU A 93 -9.21 1.46 18.37
C LEU A 93 -10.17 0.51 17.68
N ILE A 94 -10.45 0.76 16.41
CA ILE A 94 -11.45 0.01 15.65
C ILE A 94 -10.78 -0.61 14.43
N SER A 95 -10.83 -1.94 14.35
CA SER A 95 -10.09 -2.69 13.35
C SER A 95 -11.05 -3.48 12.46
N GLY A 96 -10.86 -3.35 11.14
CA GLY A 96 -11.57 -4.16 10.19
C GLY A 96 -10.78 -5.39 9.77
N LYS A 97 -11.50 -6.39 9.26
CA LYS A 97 -10.90 -7.65 8.84
C LYS A 97 -10.68 -7.76 7.33
N GLU A 98 -10.90 -6.69 6.58
CA GLU A 98 -10.58 -6.68 5.15
C GLU A 98 -10.10 -5.29 4.74
N ASP A 99 -9.07 -5.24 3.91
CA ASP A 99 -8.57 -3.96 3.43
C ASP A 99 -9.50 -3.40 2.34
N ALA A 100 -9.21 -2.17 1.94
CA ALA A 100 -9.79 -1.54 0.77
C ALA A 100 -8.85 -1.57 -0.44
N ALA A 101 -7.73 -2.28 -0.34
CA ALA A 101 -6.64 -2.23 -1.34
C ALA A 101 -6.13 -0.79 -1.34
N ASN A 102 -5.93 -0.16 -2.49
CA ASN A 102 -6.15 1.28 -2.57
C ASN A 102 -7.32 1.42 -3.53
N ASN A 103 -8.52 1.40 -2.96
CA ASN A 103 -9.76 1.53 -3.72
C ASN A 103 -10.67 2.39 -2.86
N TYR A 104 -10.98 3.58 -3.33
CA TYR A 104 -11.84 4.48 -2.57
C TYR A 104 -13.26 3.96 -2.52
N ALA A 105 -13.66 3.16 -3.51
CA ALA A 105 -15.03 2.67 -3.60
C ALA A 105 -15.37 1.68 -2.50
N ARG A 106 -14.42 0.86 -2.07
CA ARG A 106 -14.73 -0.12 -1.02
C ARG A 106 -14.81 0.56 0.34
N GLY A 107 -13.89 1.48 0.63
CA GLY A 107 -13.95 2.20 1.88
C GLY A 107 -15.18 3.10 1.99
N HIS A 108 -15.61 3.68 0.85
CA HIS A 108 -16.79 4.53 0.89
C HIS A 108 -18.10 3.74 0.84
N TYR A 109 -18.23 2.83 -0.13
CA TYR A 109 -19.52 2.21 -0.44
C TYR A 109 -19.74 0.80 0.09
N THR A 110 -18.72 0.04 0.48
CA THR A 110 -18.98 -1.35 0.86
C THR A 110 -18.35 -1.78 2.18
N VAL A 111 -17.03 -1.95 2.19
CA VAL A 111 -16.37 -2.49 3.38
C VAL A 111 -16.28 -1.42 4.47
N GLY A 112 -16.16 -0.15 4.08
CA GLY A 112 -16.10 0.90 5.07
C GLY A 112 -17.41 1.14 5.78
N ARG A 113 -18.53 0.98 5.07
CA ARG A 113 -19.85 1.18 5.69
C ARG A 113 -20.17 0.12 6.73
N GLU A 114 -19.44 -0.99 6.76
CA GLU A 114 -19.67 -2.01 7.79
C GLU A 114 -19.19 -1.53 9.16
N ILE A 115 -18.13 -0.71 9.20
CA ILE A 115 -17.62 -0.14 10.45
C ILE A 115 -18.24 1.22 10.79
N LEU A 116 -18.92 1.85 9.82
CA LEU A 116 -19.30 3.25 9.94
C LEU A 116 -20.20 3.49 11.15
N GLY A 117 -21.21 2.64 11.34
CA GLY A 117 -22.11 2.84 12.45
C GLY A 117 -21.41 2.74 13.80
N ASP A 118 -20.52 1.76 13.95
CA ASP A 118 -19.79 1.59 15.19
C ASP A 118 -18.93 2.81 15.49
N VAL A 119 -18.16 3.27 14.50
CA VAL A 119 -17.30 4.43 14.78
C VAL A 119 -18.14 5.67 15.05
N LEU A 120 -19.30 5.81 14.39
CA LEU A 120 -20.18 6.93 14.68
C LEU A 120 -20.70 6.87 16.12
N ASP A 121 -21.07 5.68 16.59
CA ASP A 121 -21.48 5.53 17.98
C ASP A 121 -20.37 5.91 18.94
N ARG A 122 -19.15 5.45 18.66
CA ARG A 122 -17.99 5.82 19.48
C ARG A 122 -17.83 7.34 19.54
N ILE A 123 -17.88 7.99 18.38
CA ILE A 123 -17.77 9.45 18.32
C ILE A 123 -18.88 10.11 19.14
N ARG A 124 -20.08 9.54 19.09
CA ARG A 124 -21.20 10.12 19.83
C ARG A 124 -20.99 10.02 21.34
N LYS A 125 -20.51 8.87 21.81
CA LYS A 125 -20.24 8.72 23.23
C LYS A 125 -19.15 9.69 23.69
N LEU A 126 -18.04 9.74 22.94
CA LEU A 126 -16.97 10.66 23.30
C LEU A 126 -17.44 12.10 23.27
N ALA A 127 -18.26 12.45 22.29
CA ALA A 127 -18.81 13.81 22.22
C ALA A 127 -19.70 14.10 23.40
N ASP A 128 -20.46 13.10 23.86
CA ASP A 128 -21.25 13.28 25.08
C ASP A 128 -20.37 13.60 26.26
N GLN A 129 -19.24 12.90 26.40
CA GLN A 129 -18.33 13.20 27.49
C GLN A 129 -17.75 14.60 27.38
N CYS A 130 -17.53 15.09 26.16
CA CYS A 130 -16.89 16.38 25.97
C CYS A 130 -17.82 17.49 26.45
N ASP A 131 -17.32 18.31 27.39
CA ASP A 131 -18.02 19.49 27.85
C ASP A 131 -17.47 20.68 27.07
N GLY A 132 -18.29 21.24 26.19
CA GLY A 132 -17.82 22.28 25.28
C GLY A 132 -16.99 21.85 24.09
N LEU A 133 -17.52 20.94 23.27
CA LEU A 133 -16.83 20.51 22.06
C LEU A 133 -16.62 21.67 21.10
N GLN A 134 -15.36 21.89 20.71
CA GLN A 134 -14.99 22.88 19.70
C GLN A 134 -15.13 22.33 18.29
N GLY A 135 -14.65 21.12 18.06
CA GLY A 135 -14.65 20.56 16.71
C GLY A 135 -13.81 19.30 16.63
N PHE A 136 -13.47 18.93 15.41
CA PHE A 136 -12.79 17.66 15.14
C PHE A 136 -11.54 17.91 14.31
N LEU A 137 -10.61 16.96 14.42
CA LEU A 137 -9.30 17.04 13.78
C LEU A 137 -9.05 15.73 13.06
N PHE A 138 -8.95 15.78 11.74
CA PHE A 138 -8.90 14.58 10.90
C PHE A 138 -7.50 14.37 10.35
N THR A 139 -7.06 13.11 10.35
CA THR A 139 -5.78 12.71 9.80
C THR A 139 -6.04 11.69 8.70
N HIS A 140 -5.70 12.06 7.47
CA HIS A 140 -6.04 11.28 6.28
C HIS A 140 -4.78 10.91 5.50
N SER A 141 -4.93 9.93 4.63
CA SER A 141 -4.09 9.76 3.45
C SER A 141 -4.99 9.96 2.25
N LEU A 142 -4.82 11.09 1.55
CA LEU A 142 -5.56 11.35 0.33
C LEU A 142 -4.96 10.50 -0.78
N GLY A 143 -5.81 9.69 -1.43
CA GLY A 143 -5.37 8.80 -2.47
C GLY A 143 -5.33 7.33 -2.10
N GLY A 144 -5.54 7.00 -0.82
CA GLY A 144 -5.57 5.62 -0.39
C GLY A 144 -6.96 5.01 -0.47
N GLY A 145 -7.07 3.78 0.01
CA GLY A 145 -8.36 3.13 0.15
C GLY A 145 -9.15 3.49 1.40
N THR A 146 -8.51 3.40 2.56
CA THR A 146 -9.19 3.64 3.83
C THR A 146 -9.27 5.14 4.13
N GLY A 147 -8.15 5.85 4.00
CA GLY A 147 -8.16 7.27 4.30
C GLY A 147 -9.12 8.04 3.40
N SER A 148 -9.00 7.84 2.10
CA SER A 148 -9.90 8.46 1.13
C SER A 148 -11.36 8.09 1.38
N GLY A 149 -11.70 6.82 1.17
CA GLY A 149 -13.09 6.40 1.23
C GLY A 149 -13.72 6.51 2.60
N LEU A 150 -13.12 5.83 3.59
CA LEU A 150 -13.67 5.89 4.95
C LEU A 150 -13.57 7.30 5.51
N GLY A 151 -12.49 8.02 5.19
CA GLY A 151 -12.34 9.37 5.70
C GLY A 151 -13.42 10.30 5.19
N SER A 152 -13.67 10.26 3.87
CA SER A 152 -14.71 11.12 3.29
C SER A 152 -16.09 10.73 3.78
N LEU A 153 -16.40 9.43 3.78
CA LEU A 153 -17.68 8.96 4.28
C LEU A 153 -17.92 9.40 5.72
N LEU A 154 -16.94 9.14 6.59
CA LEU A 154 -17.04 9.51 7.99
C LEU A 154 -17.19 11.00 8.17
N LEU A 155 -16.41 11.78 7.40
CA LEU A 155 -16.46 13.24 7.52
C LEU A 155 -17.84 13.77 7.13
N GLU A 156 -18.40 13.25 6.04
CA GLU A 156 -19.74 13.65 5.63
C GLU A 156 -20.77 13.33 6.71
N GLU A 157 -20.73 12.10 7.23
CA GLU A 157 -21.68 11.73 8.28
C GLU A 157 -21.55 12.62 9.50
N LEU A 158 -20.31 12.87 9.93
CA LEU A 158 -20.06 13.72 11.10
C LEU A 158 -20.61 15.13 10.88
N SER A 159 -20.36 15.69 9.69
CA SER A 159 -20.89 17.02 9.39
C SER A 159 -22.42 17.02 9.42
N ALA A 160 -23.04 15.95 8.90
CA ALA A 160 -24.49 15.86 8.95
C ALA A 160 -25.00 15.82 10.38
N GLU A 161 -24.27 15.14 11.27
CA GLU A 161 -24.74 14.99 12.64
C GLU A 161 -24.56 16.28 13.43
N TYR A 162 -23.39 16.91 13.34
CA TYR A 162 -23.08 18.05 14.20
C TYR A 162 -23.27 19.38 13.47
N GLY A 163 -22.43 19.64 12.47
CA GLY A 163 -22.66 20.61 11.43
C GLY A 163 -22.25 22.05 11.73
N LYS A 164 -22.33 22.48 12.98
CA LYS A 164 -21.80 23.78 13.39
C LYS A 164 -20.47 23.67 14.14
N LYS A 165 -19.88 22.49 14.19
CA LYS A 165 -18.54 22.31 14.76
C LYS A 165 -17.48 22.53 13.69
N SER A 166 -16.35 23.09 14.10
CA SER A 166 -15.24 23.31 13.19
C SER A 166 -14.59 21.98 12.80
N LYS A 167 -14.46 21.75 11.50
CA LYS A 167 -13.92 20.49 10.98
C LYS A 167 -12.58 20.77 10.30
N LEU A 168 -11.49 20.37 10.96
CA LEU A 168 -10.15 20.49 10.41
C LEU A 168 -9.75 19.16 9.78
N GLU A 169 -9.02 19.24 8.67
CA GLU A 169 -8.52 18.05 7.99
C GLU A 169 -7.06 18.24 7.63
N PHE A 170 -6.21 17.31 8.07
CA PHE A 170 -4.80 17.31 7.72
C PHE A 170 -4.56 16.12 6.81
N ALA A 171 -4.39 16.39 5.51
CA ALA A 171 -4.35 15.35 4.50
C ALA A 171 -2.94 15.24 3.93
N VAL A 172 -2.55 14.01 3.61
CA VAL A 172 -1.28 13.72 2.96
C VAL A 172 -1.57 13.53 1.47
N TYR A 173 -1.05 14.44 0.65
CA TYR A 173 -1.39 14.53 -0.76
C TYR A 173 -0.50 13.65 -1.62
N PRO A 174 -0.93 13.33 -2.84
CA PRO A 174 -0.06 12.63 -3.79
C PRO A 174 1.14 13.50 -4.17
N ALA A 175 2.20 12.82 -4.62
CA ALA A 175 3.45 13.51 -4.94
C ALA A 175 3.51 13.87 -6.42
N PRO A 176 3.89 15.09 -6.77
CA PRO A 176 3.95 15.49 -8.18
C PRO A 176 4.87 14.63 -9.03
N GLN A 177 5.92 14.05 -8.45
CA GLN A 177 6.90 13.27 -9.20
C GLN A 177 6.87 11.80 -8.83
N VAL A 178 7.17 11.45 -7.59
CA VAL A 178 7.42 10.07 -7.18
C VAL A 178 6.31 9.62 -6.22
N SER A 179 5.44 8.74 -6.70
CA SER A 179 4.31 8.25 -5.91
C SER A 179 4.34 6.72 -5.86
N THR A 180 3.72 6.17 -4.81
CA THR A 180 3.72 4.75 -4.51
C THR A 180 2.43 4.01 -4.89
N SER A 181 1.48 4.65 -5.59
CA SER A 181 0.21 4.01 -5.89
C SER A 181 -0.23 4.28 -7.32
N VAL A 182 -0.66 3.23 -8.03
CA VAL A 182 -0.97 3.34 -9.45
C VAL A 182 -2.31 4.06 -9.67
N VAL A 183 -3.30 3.80 -8.82
CA VAL A 183 -4.63 4.39 -8.96
C VAL A 183 -4.83 5.60 -8.04
N GLU A 184 -3.78 6.04 -7.33
CA GLU A 184 -3.87 7.14 -6.38
C GLU A 184 -4.62 8.37 -6.92
N PRO A 185 -4.38 8.86 -8.14
CA PRO A 185 -5.13 10.05 -8.60
C PRO A 185 -6.64 9.84 -8.64
N TYR A 186 -7.11 8.66 -9.08
CA TYR A 186 -8.53 8.36 -9.05
C TYR A 186 -9.12 8.62 -7.66
N ASN A 187 -8.52 7.97 -6.65
CA ASN A 187 -8.96 8.13 -5.26
C ASN A 187 -8.93 9.59 -4.85
N THR A 188 -7.85 10.30 -5.18
CA THR A 188 -7.69 11.67 -4.73
C THR A 188 -8.78 12.58 -5.29
N VAL A 189 -9.04 12.48 -6.60
CA VAL A 189 -10.10 13.28 -7.21
C VAL A 189 -11.44 12.97 -6.57
N LEU A 190 -11.77 11.67 -6.48
CA LEU A 190 -13.04 11.27 -5.89
C LEU A 190 -13.21 11.83 -4.48
N THR A 191 -12.13 11.84 -3.70
CA THR A 191 -12.23 12.31 -2.32
C THR A 191 -12.36 13.83 -2.26
N THR A 192 -11.59 14.55 -3.09
CA THR A 192 -11.70 16.01 -3.11
C THR A 192 -13.12 16.45 -3.39
N HIS A 193 -13.85 15.69 -4.23
CA HIS A 193 -15.25 16.01 -4.48
C HIS A 193 -16.05 16.21 -3.18
N THR A 194 -15.85 15.31 -2.21
CA THR A 194 -16.56 15.40 -0.93
C THR A 194 -15.88 16.37 0.05
N THR A 195 -14.55 16.32 0.09
CA THR A 195 -13.79 17.14 1.05
C THR A 195 -14.06 18.62 0.84
N LEU A 196 -14.24 19.04 -0.42
CA LEU A 196 -14.52 20.44 -0.70
C LEU A 196 -15.85 20.87 -0.08
N GLU A 197 -16.83 19.97 -0.01
CA GLU A 197 -18.15 20.32 0.49
C GLU A 197 -18.35 20.05 1.97
N HIS A 198 -17.43 19.34 2.63
CA HIS A 198 -17.61 19.02 4.04
C HIS A 198 -16.55 19.66 4.93
N ALA A 199 -15.27 19.40 4.70
CA ALA A 199 -14.22 19.94 5.55
C ALA A 199 -14.23 21.48 5.57
N ASP A 200 -14.14 22.04 6.78
CA ASP A 200 -14.09 23.49 6.92
C ASP A 200 -12.69 24.05 6.62
N CYS A 201 -11.64 23.36 7.08
CA CYS A 201 -10.28 23.77 6.81
C CYS A 201 -9.44 22.53 6.51
N THR A 202 -8.71 22.55 5.41
CA THR A 202 -7.89 21.44 4.97
C THR A 202 -6.43 21.88 4.89
N PHE A 203 -5.55 21.10 5.48
CA PHE A 203 -4.11 21.30 5.39
C PHE A 203 -3.51 20.19 4.54
N MET A 204 -2.67 20.57 3.59
CA MET A 204 -2.11 19.63 2.62
C MET A 204 -0.61 19.52 2.84
N VAL A 205 -0.10 18.28 2.86
CA VAL A 205 1.33 18.02 2.99
C VAL A 205 1.73 17.04 1.91
N ASP A 206 2.76 17.40 1.14
CA ASP A 206 3.35 16.51 0.14
C ASP A 206 4.60 15.89 0.75
N ASN A 207 4.66 14.55 0.74
CA ASN A 207 5.78 13.85 1.37
C ASN A 207 7.10 14.19 0.68
N GLU A 208 7.07 14.50 -0.62
CA GLU A 208 8.29 14.85 -1.33
C GLU A 208 8.93 16.10 -0.74
N ALA A 209 8.12 17.11 -0.42
CA ALA A 209 8.65 18.34 0.15
C ALA A 209 9.25 18.09 1.53
N ILE A 210 8.59 17.27 2.35
CA ILE A 210 9.12 16.97 3.68
C ILE A 210 10.44 16.20 3.55
N TYR A 211 10.52 15.29 2.57
CA TYR A 211 11.79 14.62 2.31
C TYR A 211 12.87 15.63 1.92
N ASP A 212 12.51 16.61 1.09
CA ASP A 212 13.46 17.66 0.74
C ASP A 212 13.95 18.41 1.97
N MET A 213 13.04 18.73 2.89
CA MET A 213 13.45 19.42 4.12
C MET A 213 14.36 18.54 4.96
N CYS A 214 14.06 17.24 5.04
CA CYS A 214 14.88 16.34 5.83
C CYS A 214 16.29 16.22 5.25
N LYS A 215 16.40 16.15 3.92
CA LYS A 215 17.72 15.94 3.31
C LYS A 215 18.53 17.22 3.22
N ARG A 216 17.87 18.35 2.96
CA ARG A 216 18.57 19.62 2.79
C ARG A 216 18.76 20.35 4.12
N ASN A 217 17.65 20.73 4.77
CA ASN A 217 17.75 21.52 5.99
C ASN A 217 18.31 20.69 7.14
N LEU A 218 17.68 19.54 7.44
CA LEU A 218 18.16 18.70 8.53
C LEU A 218 19.33 17.81 8.14
N ASP A 219 19.67 17.75 6.84
CA ASP A 219 20.80 16.96 6.35
C ASP A 219 20.72 15.50 6.81
N ILE A 220 19.50 14.97 6.86
CA ILE A 220 19.27 13.59 7.27
C ILE A 220 19.57 12.67 6.08
N PRO A 221 20.58 11.79 6.19
CA PRO A 221 20.95 10.96 5.02
C PRO A 221 19.88 9.96 4.62
N ARG A 222 19.28 9.26 5.58
CA ARG A 222 18.27 8.22 5.30
C ARG A 222 17.02 8.53 6.11
N PRO A 223 16.16 9.41 5.62
CA PRO A 223 14.94 9.75 6.36
C PRO A 223 13.94 8.61 6.34
N SER A 224 13.09 8.59 7.35
CA SER A 224 12.04 7.58 7.48
C SER A 224 10.69 8.27 7.59
N PHE A 225 9.63 7.48 7.38
CA PHE A 225 8.27 8.00 7.57
C PHE A 225 8.09 8.58 8.96
N ALA A 226 8.78 8.02 9.96
CA ALA A 226 8.62 8.49 11.33
C ALA A 226 9.07 9.94 11.49
N ASN A 227 10.21 10.31 10.89
CA ASN A 227 10.69 11.67 11.00
C ASN A 227 9.75 12.67 10.32
N LEU A 228 9.29 12.33 9.11
CA LEU A 228 8.26 13.11 8.43
C LEU A 228 7.06 13.33 9.34
N ASN A 229 6.55 12.24 9.93
CA ASN A 229 5.41 12.33 10.83
C ASN A 229 5.72 13.25 12.01
N ASN A 230 6.96 13.23 12.49
CA ASN A 230 7.33 14.11 13.61
C ASN A 230 7.20 15.57 13.21
N LEU A 231 7.68 15.93 12.01
CA LEU A 231 7.54 17.30 11.53
C LEU A 231 6.06 17.71 11.46
N ILE A 232 5.25 16.88 10.79
CA ILE A 232 3.82 17.18 10.65
C ILE A 232 3.16 17.36 12.01
N ALA A 233 3.48 16.45 12.93
CA ALA A 233 2.92 16.52 14.28
C ALA A 233 3.29 17.84 14.96
N GLN A 234 4.52 18.29 14.77
CA GLN A 234 4.90 19.59 15.34
C GLN A 234 4.05 20.71 14.76
N VAL A 235 3.77 20.66 13.45
CA VAL A 235 2.88 21.65 12.85
C VAL A 235 1.52 21.66 13.55
N VAL A 236 0.90 20.48 13.67
CA VAL A 236 -0.45 20.40 14.27
C VAL A 236 -0.43 20.91 15.70
N SER A 237 0.58 20.47 16.48
CA SER A 237 0.72 20.93 17.85
C SER A 237 0.78 22.45 17.93
N SER A 238 1.57 23.07 17.04
CA SER A 238 1.64 24.52 17.04
C SER A 238 0.31 25.16 16.64
N VAL A 239 -0.51 24.45 15.86
CA VAL A 239 -1.85 24.96 15.57
C VAL A 239 -2.68 25.06 16.86
N THR A 240 -2.66 24.00 17.67
CA THR A 240 -3.48 24.01 18.89
C THR A 240 -2.79 24.67 20.09
N ALA A 241 -1.56 25.17 19.90
CA ALA A 241 -0.81 25.75 21.02
C ALA A 241 -1.53 26.94 21.62
N SER A 242 -2.16 27.77 20.78
CA SER A 242 -2.90 28.91 21.29
C SER A 242 -4.11 28.51 22.11
N LEU A 243 -4.63 27.30 21.90
CA LEU A 243 -5.70 26.78 22.75
C LEU A 243 -5.17 26.19 24.05
N ARG A 244 -3.98 25.60 24.04
CA ARG A 244 -3.49 24.90 25.23
C ARG A 244 -2.69 25.76 26.19
N PHE A 245 -2.22 26.94 25.78
CA PHE A 245 -1.38 27.76 26.64
C PHE A 245 -1.76 29.23 26.50
N ASP A 246 -1.42 30.01 27.53
CA ASP A 246 -1.64 31.44 27.53
C ASP A 246 -0.62 32.15 26.64
N GLY A 247 -0.98 33.38 26.25
CA GLY A 247 -0.10 34.14 25.38
C GLY A 247 -0.54 35.59 25.26
N SER A 248 -0.01 36.26 24.24
CA SER A 248 -0.36 37.64 23.95
C SER A 248 -1.62 37.72 23.08
N LEU A 249 -1.58 37.14 21.89
CA LEU A 249 -2.72 37.06 20.99
C LEU A 249 -3.11 35.59 20.87
N ASN A 250 -4.27 35.22 21.43
CA ASN A 250 -4.71 33.84 21.50
C ASN A 250 -5.64 33.54 20.32
N VAL A 251 -5.17 32.70 19.41
CA VAL A 251 -5.91 32.38 18.18
C VAL A 251 -6.75 31.13 18.41
N ASP A 252 -8.00 31.18 17.96
CA ASP A 252 -8.90 30.04 17.97
C ASP A 252 -8.92 29.40 16.58
N LEU A 253 -9.65 28.28 16.46
CA LEU A 253 -9.85 27.69 15.14
C LEU A 253 -10.83 28.52 14.33
N ASN A 254 -11.86 29.06 14.99
CA ASN A 254 -12.80 29.94 14.32
C ASN A 254 -12.10 31.18 13.77
N GLU A 255 -11.08 31.68 14.49
CA GLU A 255 -10.32 32.82 14.00
C GLU A 255 -9.52 32.44 12.76
N PHE A 256 -8.92 31.25 12.76
CA PHE A 256 -8.25 30.74 11.56
C PHE A 256 -9.20 30.74 10.38
N GLN A 257 -10.40 30.16 10.56
CA GLN A 257 -11.38 30.14 9.48
C GLN A 257 -11.74 31.55 9.04
N THR A 258 -11.89 32.47 10.00
CA THR A 258 -12.32 33.83 9.68
C THR A 258 -11.28 34.55 8.83
N ASN A 259 -10.04 34.59 9.30
CA ASN A 259 -9.03 35.39 8.61
C ASN A 259 -8.48 34.69 7.37
N LEU A 260 -8.49 33.36 7.32
CA LEU A 260 -7.89 32.64 6.20
C LEU A 260 -8.88 32.17 5.14
N VAL A 261 -10.19 32.32 5.35
CA VAL A 261 -11.16 31.77 4.40
C VAL A 261 -12.06 32.90 3.90
N PRO A 262 -11.69 33.58 2.81
CA PRO A 262 -12.52 34.70 2.35
C PRO A 262 -13.87 34.28 1.78
N TYR A 263 -13.92 33.13 1.11
CA TYR A 263 -15.13 32.62 0.47
C TYR A 263 -15.36 31.19 0.94
N PRO A 264 -16.57 30.65 0.76
CA PRO A 264 -16.83 29.27 1.23
C PRO A 264 -15.82 28.24 0.75
N ARG A 265 -15.48 28.24 -0.54
CA ARG A 265 -14.39 27.43 -1.04
C ARG A 265 -13.08 28.20 -0.86
N ILE A 266 -11.97 27.63 -1.33
CA ILE A 266 -10.62 28.17 -1.11
C ILE A 266 -10.28 28.06 0.39
N HIS A 267 -10.58 26.90 0.97
CA HIS A 267 -10.23 26.58 2.35
C HIS A 267 -8.94 25.74 2.49
N PHE A 268 -8.06 25.77 1.47
CA PHE A 268 -6.89 24.88 1.44
C PHE A 268 -5.57 25.64 1.58
N PRO A 269 -5.15 25.99 2.80
CA PRO A 269 -3.85 26.65 2.96
C PRO A 269 -2.65 25.69 2.92
N LEU A 270 -1.52 26.23 2.47
CA LEU A 270 -0.22 25.61 2.63
C LEU A 270 0.35 25.89 4.01
N VAL A 271 1.23 25.00 4.47
CA VAL A 271 1.84 25.14 5.80
C VAL A 271 3.35 25.10 5.67
N SER A 272 4.01 25.85 6.56
CA SER A 272 5.47 25.93 6.61
C SER A 272 5.92 26.00 8.06
N TYR A 273 7.10 25.43 8.33
CA TYR A 273 7.71 25.46 9.66
C TYR A 273 9.14 25.96 9.49
N SER A 274 9.42 27.17 9.99
CA SER A 274 10.69 27.82 9.69
C SER A 274 11.89 27.21 10.40
N PRO A 275 11.92 27.11 11.89
CA PRO A 275 13.18 26.70 12.52
C PRO A 275 13.41 25.19 12.40
N VAL A 276 13.90 24.79 11.25
CA VAL A 276 14.34 23.42 11.01
C VAL A 276 15.86 23.47 10.97
N LEU A 277 16.50 23.13 12.09
CA LEU A 277 17.91 23.38 12.28
C LEU A 277 18.54 22.08 12.76
N SER A 278 19.57 21.63 12.05
CA SER A 278 20.24 20.39 12.43
C SER A 278 20.97 20.58 13.75
N LYS A 279 20.97 19.53 14.57
CA LYS A 279 21.72 19.56 15.83
C LYS A 279 23.21 19.78 15.59
N SER A 280 23.71 19.46 14.39
CA SER A 280 25.09 19.78 14.04
C SER A 280 25.26 21.29 13.89
N LYS A 281 24.27 21.98 13.33
CA LYS A 281 24.31 23.41 13.09
C LYS A 281 23.68 24.21 14.22
N ALA A 282 23.33 23.56 15.34
CA ALA A 282 22.57 24.22 16.40
C ALA A 282 23.31 25.42 16.99
N PHE A 283 24.63 25.43 16.97
CA PHE A 283 25.41 26.48 17.61
C PHE A 283 25.86 27.57 16.64
N HIS A 284 25.52 27.46 15.36
CA HIS A 284 25.80 28.47 14.35
C HIS A 284 24.60 29.34 13.99
N GLU A 285 23.52 29.29 14.76
CA GLU A 285 22.28 29.99 14.44
C GLU A 285 21.93 31.04 15.50
N SER A 286 21.36 32.16 15.03
CA SER A 286 20.96 33.26 15.91
C SER A 286 19.59 33.05 16.54
N ASN A 287 18.62 32.51 15.77
CA ASN A 287 17.21 32.40 16.18
C ASN A 287 16.57 33.78 16.37
N SER A 288 16.69 34.63 15.36
CA SER A 288 16.07 35.95 15.36
C SER A 288 14.71 35.92 14.68
N VAL A 289 13.77 36.71 15.21
CA VAL A 289 12.40 36.70 14.71
C VAL A 289 12.37 37.02 13.21
N SER A 290 13.11 38.05 12.80
CA SER A 290 13.18 38.42 11.40
C SER A 290 13.72 37.28 10.56
N GLU A 291 14.80 36.64 11.03
CA GLU A 291 15.40 35.53 10.28
C GLU A 291 14.41 34.38 10.14
N ILE A 292 13.69 34.05 11.20
CA ILE A 292 12.72 32.96 11.14
C ILE A 292 11.60 33.30 10.17
N THR A 293 11.13 34.55 10.19
CA THR A 293 10.10 34.98 9.24
C THR A 293 10.59 34.87 7.81
N ASN A 294 11.85 35.25 7.57
CA ASN A 294 12.42 35.08 6.23
C ASN A 294 12.49 33.60 5.85
N ALA A 295 12.81 32.74 6.81
CA ALA A 295 12.84 31.31 6.53
C ALA A 295 11.47 30.77 6.17
N CYS A 296 10.41 31.35 6.74
CA CYS A 296 9.04 30.91 6.43
C CYS A 296 8.77 30.96 4.93
N PHE A 297 9.09 32.08 4.30
CA PHE A 297 8.74 32.28 2.90
C PHE A 297 9.77 31.67 1.95
N GLU A 298 10.84 31.08 2.48
CA GLU A 298 11.76 30.34 1.63
C GLU A 298 11.10 29.04 1.17
N PRO A 299 11.10 28.76 -0.13
CA PRO A 299 10.42 27.53 -0.61
C PRO A 299 11.00 26.26 -0.03
N GLY A 300 12.27 26.25 0.35
CA GLY A 300 12.86 25.08 0.98
C GLY A 300 12.25 24.75 2.32
N ASN A 301 11.65 25.73 2.99
CA ASN A 301 10.99 25.53 4.28
C ASN A 301 9.49 25.29 4.16
N GLN A 302 8.97 25.16 2.93
CA GLN A 302 7.56 24.86 2.73
C GLN A 302 7.34 23.36 2.60
N MET A 303 6.19 22.90 3.09
CA MET A 303 5.87 21.48 3.21
C MET A 303 5.03 20.94 2.05
N VAL A 304 4.82 21.72 1.00
CA VAL A 304 4.13 21.26 -0.21
C VAL A 304 5.04 21.50 -1.40
N LYS A 305 4.93 20.64 -2.42
CA LYS A 305 5.71 20.92 -3.63
C LYS A 305 4.83 21.83 -4.47
N CYS A 306 5.08 23.12 -4.30
CA CYS A 306 4.39 24.19 -5.00
C CYS A 306 5.28 25.41 -4.91
N ASP A 307 5.29 26.22 -5.96
CA ASP A 307 6.11 27.42 -5.92
C ASP A 307 5.24 28.59 -5.52
N PRO A 308 5.34 29.10 -4.28
CA PRO A 308 4.47 30.20 -3.86
C PRO A 308 4.78 31.52 -4.56
N ARG A 309 6.00 31.68 -5.09
CA ARG A 309 6.34 32.88 -5.84
C ARG A 309 5.63 32.95 -7.18
N ASP A 310 5.20 31.80 -7.72
CA ASP A 310 4.53 31.80 -9.01
C ASP A 310 3.13 32.41 -8.92
N GLY A 311 2.50 32.37 -7.74
CA GLY A 311 1.16 32.87 -7.55
C GLY A 311 1.10 34.13 -6.71
N LYS A 312 -0.13 34.48 -6.32
CA LYS A 312 -0.42 35.63 -5.48
C LYS A 312 -0.91 35.16 -4.11
N TYR A 313 -0.40 35.80 -3.06
CA TYR A 313 -0.84 35.50 -1.70
C TYR A 313 -2.16 36.19 -1.41
N MET A 314 -3.17 35.41 -1.03
CA MET A 314 -4.45 35.98 -0.63
C MET A 314 -4.43 36.45 0.82
N ALA A 315 -4.24 35.52 1.75
CA ALA A 315 -4.17 35.83 3.17
C ALA A 315 -3.27 34.80 3.85
N THR A 316 -2.50 35.26 4.84
CA THR A 316 -1.61 34.39 5.60
C THR A 316 -1.79 34.64 7.09
N CYS A 317 -1.39 33.63 7.87
CA CYS A 317 -1.34 33.71 9.32
C CYS A 317 -0.04 33.08 9.79
N LEU A 318 0.77 33.88 10.50
CA LEU A 318 1.93 33.38 11.21
C LEU A 318 1.54 33.08 12.66
N LEU A 319 2.12 32.02 13.20
CA LEU A 319 1.89 31.62 14.58
C LEU A 319 3.23 31.45 15.26
N TYR A 320 3.52 32.32 16.22
CA TYR A 320 4.80 32.34 16.91
C TYR A 320 4.65 31.66 18.27
N ARG A 321 5.72 30.97 18.68
CA ARG A 321 5.77 30.31 19.97
C ARG A 321 7.08 30.66 20.66
N GLY A 322 7.03 30.73 21.99
CA GLY A 322 8.23 30.99 22.77
C GLY A 322 8.44 32.45 23.08
N ASP A 323 9.70 32.86 23.24
CA ASP A 323 10.02 34.22 23.67
C ASP A 323 10.12 35.06 22.41
N VAL A 324 9.08 35.85 22.14
CA VAL A 324 8.97 36.65 20.93
C VAL A 324 8.30 37.97 21.29
N VAL A 325 8.85 39.06 20.78
CA VAL A 325 8.29 40.38 20.98
C VAL A 325 7.29 40.65 19.85
N THR A 326 6.14 41.21 20.22
CA THR A 326 5.11 41.51 19.21
C THR A 326 5.61 42.54 18.21
N ARG A 327 6.31 43.58 18.69
CA ARG A 327 6.81 44.63 17.81
C ARG A 327 7.81 44.06 16.79
N ASP A 328 8.70 43.18 17.24
CA ASP A 328 9.65 42.55 16.33
C ASP A 328 8.92 41.78 15.23
N VAL A 329 7.91 41.00 15.62
CA VAL A 329 7.13 40.23 14.65
C VAL A 329 6.48 41.16 13.64
N GLN A 330 5.89 42.26 14.13
CA GLN A 330 5.25 43.23 13.24
C GLN A 330 6.25 43.81 12.25
N ARG A 331 7.44 44.17 12.73
CA ARG A 331 8.46 44.71 11.84
C ARG A 331 8.87 43.70 10.78
N ALA A 332 9.06 42.44 11.18
CA ALA A 332 9.41 41.40 10.22
C ALA A 332 8.32 41.23 9.16
N VAL A 333 7.06 41.22 9.59
CA VAL A 333 5.95 41.10 8.65
C VAL A 333 5.94 42.28 7.68
N GLU A 334 6.23 43.48 8.19
CA GLU A 334 6.27 44.65 7.32
C GLU A 334 7.38 44.53 6.28
N GLN A 335 8.56 44.05 6.70
CA GLN A 335 9.65 43.83 5.75
C GLN A 335 9.25 42.83 4.68
N VAL A 336 8.66 41.70 5.10
CA VAL A 336 8.20 40.70 4.15
C VAL A 336 7.21 41.30 3.16
N LYS A 337 6.29 42.12 3.65
CA LYS A 337 5.33 42.78 2.76
C LYS A 337 6.05 43.70 1.78
N ASN A 338 7.13 44.37 2.23
CA ASN A 338 7.87 45.25 1.35
C ASN A 338 8.73 44.50 0.34
N LYS A 339 8.95 43.20 0.54
CA LYS A 339 9.74 42.43 -0.43
C LYS A 339 9.12 42.47 -1.83
N LYS A 340 7.80 42.46 -1.91
CA LYS A 340 6.96 42.52 -3.10
C LYS A 340 6.80 41.16 -3.79
N THR A 341 7.58 40.14 -3.42
CA THR A 341 7.36 38.80 -3.97
C THR A 341 6.10 38.16 -3.39
N VAL A 342 5.59 38.69 -2.28
CA VAL A 342 4.33 38.20 -1.71
C VAL A 342 3.20 38.34 -2.72
N GLN A 343 3.17 39.47 -3.44
CA GLN A 343 2.10 39.79 -4.39
C GLN A 343 0.74 39.65 -3.71
N LEU A 344 0.52 40.52 -2.73
CA LEU A 344 -0.73 40.54 -1.99
C LEU A 344 -1.87 40.99 -2.91
N VAL A 345 -2.99 40.26 -2.87
CA VAL A 345 -4.13 40.62 -3.71
C VAL A 345 -4.70 41.96 -3.25
N ASP A 346 -5.43 42.61 -4.16
CA ASP A 346 -5.85 43.98 -3.95
C ASP A 346 -6.88 44.12 -2.83
N TRP A 347 -7.68 43.07 -2.59
CA TRP A 347 -8.73 43.16 -1.58
C TRP A 347 -8.14 43.29 -0.17
N CYS A 348 -7.03 42.62 0.09
CA CYS A 348 -6.48 42.56 1.44
C CYS A 348 -5.58 43.76 1.72
N PRO A 349 -5.91 44.62 2.67
CA PRO A 349 -4.95 45.65 3.09
C PRO A 349 -3.74 45.08 3.81
N THR A 350 -3.95 44.13 4.73
CA THR A 350 -2.86 43.45 5.42
C THR A 350 -2.75 42.01 4.95
N GLY A 351 -3.70 41.15 5.34
CA GLY A 351 -3.61 39.75 4.98
C GLY A 351 -2.56 38.98 5.72
N PHE A 352 -2.04 39.52 6.81
CA PHE A 352 -1.10 38.82 7.67
C PHE A 352 -1.63 38.87 9.10
N LYS A 353 -2.06 37.72 9.62
CA LYS A 353 -2.58 37.61 10.97
C LYS A 353 -1.53 36.93 11.84
N ILE A 354 -1.20 37.54 12.98
CA ILE A 354 -0.13 37.06 13.84
C ILE A 354 -0.73 36.55 15.15
N GLY A 355 -0.53 35.27 15.43
CA GLY A 355 -0.72 34.72 16.76
C GLY A 355 0.60 34.64 17.51
N ILE A 356 0.52 34.75 18.84
CA ILE A 356 1.70 34.65 19.70
C ILE A 356 1.34 33.79 20.90
N CYS A 357 2.09 32.72 21.10
CA CYS A 357 1.92 31.82 22.23
C CYS A 357 3.19 31.81 23.04
N TYR A 358 3.05 31.90 24.36
CA TYR A 358 4.17 32.07 25.27
C TYR A 358 4.78 30.74 25.71
N GLU A 359 4.53 29.66 24.97
CA GLU A 359 5.15 28.42 25.36
C GLU A 359 6.19 27.99 24.32
N PRO A 360 7.35 27.49 24.77
CA PRO A 360 8.42 27.14 23.83
C PRO A 360 8.17 25.80 23.17
N PRO A 361 8.66 25.60 21.95
CA PRO A 361 8.48 24.32 21.27
C PRO A 361 9.45 23.26 21.76
N THR A 362 9.03 21.99 21.62
CA THR A 362 9.86 20.84 21.97
C THR A 362 9.78 19.81 20.86
N ALA A 363 10.82 18.98 20.78
CA ALA A 363 10.97 18.01 19.69
C ALA A 363 11.24 16.62 20.25
N THR A 364 10.80 15.61 19.48
CA THR A 364 10.97 14.22 19.86
C THR A 364 12.42 13.76 19.65
N PRO A 365 12.89 12.83 20.47
CA PRO A 365 14.32 12.43 20.41
C PRO A 365 14.78 11.91 19.06
N ASN A 366 13.90 11.33 18.26
CA ASN A 366 14.29 10.70 17.01
C ASN A 366 14.62 11.69 15.89
N SER A 367 14.43 12.99 16.11
CA SER A 367 14.59 13.99 15.06
C SER A 367 15.83 14.83 15.32
N GLN A 368 16.38 15.39 14.24
CA GLN A 368 17.52 16.30 14.33
C GLN A 368 17.09 17.72 14.65
N LEU A 369 15.80 17.96 14.92
CA LEU A 369 15.32 19.30 15.22
C LEU A 369 15.74 19.64 16.64
N ALA A 370 16.62 20.63 16.77
CA ALA A 370 17.13 21.04 18.06
C ALA A 370 16.14 21.95 18.76
N THR A 371 16.19 21.95 20.09
CA THR A 371 15.31 22.81 20.86
C THR A 371 15.65 24.27 20.64
N VAL A 372 14.63 25.08 20.43
CA VAL A 372 14.78 26.51 20.16
C VAL A 372 13.84 27.30 21.07
N ASP A 373 14.25 28.52 21.39
CA ASP A 373 13.46 29.37 22.27
C ASP A 373 12.27 30.04 21.58
N ARG A 374 12.16 29.92 20.26
CA ARG A 374 11.00 30.42 19.54
C ARG A 374 10.83 29.64 18.24
N ALA A 375 9.59 29.58 17.76
CA ALA A 375 9.29 28.87 16.53
C ALA A 375 8.10 29.51 15.84
N VAL A 376 7.91 29.20 14.56
CA VAL A 376 6.85 29.79 13.75
C VAL A 376 6.20 28.73 12.88
N CYS A 377 4.87 28.82 12.77
CA CYS A 377 4.12 28.08 11.77
C CYS A 377 3.45 29.06 10.82
N MET A 378 3.45 28.72 9.53
CA MET A 378 2.98 29.62 8.49
C MET A 378 1.85 28.95 7.73
N LEU A 379 0.66 29.56 7.79
CA LEU A 379 -0.51 29.07 7.06
C LEU A 379 -0.89 30.10 6.01
N SER A 380 -0.79 29.74 4.73
CA SER A 380 -0.96 30.72 3.66
C SER A 380 -1.90 30.21 2.58
N ASN A 381 -2.83 31.06 2.16
CA ASN A 381 -3.66 30.80 0.98
C ASN A 381 -3.02 31.48 -0.22
N THR A 382 -2.66 30.69 -1.24
CA THR A 382 -2.03 31.21 -2.44
C THR A 382 -2.72 30.62 -3.68
N THR A 383 -2.61 31.35 -4.79
CA THR A 383 -3.16 30.86 -6.05
C THR A 383 -2.34 29.71 -6.62
N SER A 384 -1.05 29.68 -6.29
CA SER A 384 -0.15 28.66 -6.83
C SER A 384 -0.59 27.24 -6.50
N ILE A 385 -1.40 27.05 -5.46
CA ILE A 385 -1.88 25.73 -5.10
C ILE A 385 -2.61 25.06 -6.26
N ALA A 386 -3.26 25.88 -7.12
CA ALA A 386 -3.95 25.32 -8.28
C ALA A 386 -3.05 24.37 -9.07
N GLU A 387 -1.74 24.70 -9.14
CA GLU A 387 -0.78 23.85 -9.85
C GLU A 387 -0.94 22.39 -9.45
N ALA A 388 -0.90 22.12 -8.14
CA ALA A 388 -1.02 20.74 -7.67
C ALA A 388 -2.26 20.09 -8.25
N TRP A 389 -3.42 20.75 -8.10
CA TRP A 389 -4.66 20.19 -8.63
C TRP A 389 -4.52 19.86 -10.10
N LYS A 390 -3.99 20.82 -10.87
CA LYS A 390 -3.80 20.60 -12.31
C LYS A 390 -3.02 19.32 -12.54
N ARG A 391 -1.89 19.18 -11.84
CA ARG A 391 -1.09 17.96 -11.96
C ARG A 391 -1.97 16.73 -11.77
N ILE A 392 -2.66 16.68 -10.63
CA ILE A 392 -3.52 15.54 -10.33
C ILE A 392 -4.50 15.32 -11.47
N ASP A 393 -5.17 16.40 -11.88
CA ASP A 393 -6.18 16.29 -12.92
C ASP A 393 -5.58 15.66 -14.17
N ARG A 394 -4.40 16.12 -14.57
CA ARG A 394 -3.77 15.58 -15.78
C ARG A 394 -3.56 14.08 -15.63
N LYS A 395 -2.99 13.65 -14.50
CA LYS A 395 -2.75 12.23 -14.28
C LYS A 395 -4.07 11.47 -14.30
N PHE A 396 -5.14 12.08 -13.82
CA PHE A 396 -6.46 11.47 -13.91
C PHE A 396 -6.85 11.28 -15.37
N ASP A 397 -6.78 12.36 -16.15
CA ASP A 397 -7.32 12.36 -17.50
C ASP A 397 -6.72 11.23 -18.33
N LEU A 398 -5.39 11.16 -18.37
CA LEU A 398 -4.71 10.15 -19.17
C LEU A 398 -5.21 8.75 -18.86
N MET A 399 -5.46 8.45 -17.58
CA MET A 399 -6.00 7.14 -17.25
C MET A 399 -7.44 7.05 -17.70
N TYR A 400 -8.25 8.05 -17.33
CA TYR A 400 -9.69 7.98 -17.55
C TYR A 400 -10.06 7.96 -19.02
N ALA A 401 -9.16 8.42 -19.90
CA ALA A 401 -9.42 8.33 -21.33
C ALA A 401 -9.59 6.88 -21.76
N LYS A 402 -8.77 5.97 -21.24
CA LYS A 402 -8.87 4.56 -21.57
C LYS A 402 -9.68 3.78 -20.54
N ARG A 403 -10.27 4.47 -19.55
CA ARG A 403 -10.99 3.84 -18.46
C ARG A 403 -10.10 2.80 -17.76
N ALA A 404 -8.86 3.22 -17.48
CA ALA A 404 -7.76 2.31 -17.15
C ALA A 404 -8.15 1.27 -16.11
N PHE A 405 -8.31 1.68 -14.86
CA PHE A 405 -8.63 0.78 -13.75
C PHE A 405 -10.10 0.82 -13.34
N VAL A 406 -10.95 1.47 -14.14
CA VAL A 406 -12.34 1.77 -13.76
C VAL A 406 -13.07 0.53 -13.22
N HIS A 407 -12.86 -0.63 -13.83
CA HIS A 407 -13.66 -1.81 -13.46
C HIS A 407 -13.50 -2.17 -11.98
N TRP A 408 -12.33 -1.91 -11.40
CA TRP A 408 -12.14 -2.16 -9.98
C TRP A 408 -13.06 -1.29 -9.13
N TYR A 409 -13.33 -0.06 -9.56
CA TYR A 409 -14.25 0.81 -8.83
C TYR A 409 -15.70 0.49 -9.15
N VAL A 410 -16.00 0.22 -10.42
CA VAL A 410 -17.38 -0.04 -10.84
C VAL A 410 -17.91 -1.32 -10.22
N GLY A 411 -17.06 -2.33 -10.04
CA GLY A 411 -17.51 -3.56 -9.43
C GLY A 411 -17.95 -3.42 -7.99
N GLU A 412 -17.53 -2.35 -7.32
CA GLU A 412 -17.84 -2.10 -5.92
C GLU A 412 -19.06 -1.19 -5.72
N GLY A 413 -19.84 -0.95 -6.78
CA GLY A 413 -20.99 -0.07 -6.70
C GLY A 413 -20.73 1.41 -6.93
N MET A 414 -19.98 1.72 -7.99
CA MET A 414 -19.76 3.09 -8.45
C MET A 414 -20.28 3.23 -9.88
N GLU A 415 -20.48 4.49 -10.29
CA GLU A 415 -20.95 4.82 -11.63
C GLU A 415 -19.86 5.61 -12.37
N GLU A 416 -19.87 5.49 -13.70
CA GLU A 416 -18.92 6.23 -14.53
C GLU A 416 -19.19 7.73 -14.48
N GLY A 417 -20.47 8.10 -14.47
CA GLY A 417 -20.84 9.50 -14.34
C GLY A 417 -20.35 10.12 -13.04
N GLU A 418 -20.14 9.29 -12.01
CA GLU A 418 -19.56 9.81 -10.77
C GLU A 418 -18.14 10.31 -10.99
N PHE A 419 -17.33 9.53 -11.72
CA PHE A 419 -16.00 9.99 -12.08
C PHE A 419 -16.07 11.28 -12.87
N THR A 420 -16.91 11.32 -13.91
CA THR A 420 -17.02 12.55 -14.71
C THR A 420 -17.41 13.73 -13.84
N GLU A 421 -18.34 13.52 -12.90
CA GLU A 421 -18.82 14.59 -12.04
C GLU A 421 -17.73 15.10 -11.11
N ALA A 422 -16.99 14.19 -10.49
CA ALA A 422 -15.93 14.58 -9.57
C ALA A 422 -14.83 15.36 -10.30
N ARG A 423 -14.40 14.86 -11.46
CA ARG A 423 -13.39 15.57 -12.23
C ARG A 423 -13.88 16.95 -12.64
N GLU A 424 -15.13 17.03 -13.11
CA GLU A 424 -15.71 18.32 -13.48
C GLU A 424 -15.71 19.29 -12.30
N ASP A 425 -16.08 18.79 -11.11
CA ASP A 425 -16.11 19.64 -9.92
C ASP A 425 -14.72 20.14 -9.56
N LEU A 426 -13.72 19.27 -9.67
CA LEU A 426 -12.34 19.69 -9.39
C LEU A 426 -11.90 20.77 -10.38
N ALA A 427 -12.21 20.58 -11.67
CA ALA A 427 -11.86 21.58 -12.66
C ALA A 427 -12.54 22.91 -12.37
N ALA A 428 -13.81 22.88 -11.98
CA ALA A 428 -14.51 24.11 -11.62
C ALA A 428 -13.87 24.78 -10.42
N LEU A 429 -13.46 23.99 -9.42
CA LEU A 429 -12.80 24.55 -8.24
C LEU A 429 -11.51 25.25 -8.63
N GLU A 430 -10.69 24.60 -9.47
CA GLU A 430 -9.45 25.23 -9.93
C GLU A 430 -9.74 26.51 -10.69
N ARG A 431 -10.75 26.48 -11.58
CA ARG A 431 -11.08 27.64 -12.39
C ARG A 431 -11.51 28.82 -11.52
N ASP A 432 -12.40 28.57 -10.56
CA ASP A 432 -12.84 29.64 -9.67
C ASP A 432 -11.69 30.13 -8.79
N TYR A 433 -10.80 29.23 -8.37
CA TYR A 433 -9.64 29.62 -7.59
C TYR A 433 -8.77 30.61 -8.36
N ILE A 434 -8.47 30.29 -9.62
CA ILE A 434 -7.68 31.20 -10.44
C ILE A 434 -8.45 32.50 -10.69
N GLU A 435 -9.75 32.38 -10.93
CA GLU A 435 -10.57 33.55 -11.28
C GLU A 435 -10.59 34.56 -10.14
N VAL A 436 -10.90 34.11 -8.92
CA VAL A 436 -10.94 35.02 -7.78
C VAL A 436 -9.54 35.47 -7.42
N GLY A 437 -8.60 34.52 -7.33
CA GLY A 437 -7.26 34.85 -6.88
C GLY A 437 -6.52 35.81 -7.80
N ALA A 438 -6.88 35.83 -9.08
CA ALA A 438 -6.24 36.75 -10.01
C ALA A 438 -6.74 38.17 -9.82
N ASP A 439 -8.06 38.36 -9.81
CA ASP A 439 -8.68 39.68 -9.74
C ASP A 439 -9.12 40.08 -8.35
N SER A 440 -8.77 39.32 -7.32
CA SER A 440 -9.14 39.69 -5.94
C SER A 440 -8.62 41.08 -5.57
N MET B 1 -9.58 -10.90 5.21
CA MET B 1 -8.49 -11.38 4.38
C MET B 1 -7.29 -11.79 5.24
N ARG B 2 -7.50 -12.84 6.03
CA ARG B 2 -6.51 -13.37 6.96
C ARG B 2 -5.97 -14.72 6.50
N GLU B 3 -6.84 -15.71 6.32
CA GLU B 3 -6.45 -17.09 6.09
C GLU B 3 -6.33 -17.41 4.60
N ILE B 4 -5.23 -18.07 4.21
CA ILE B 4 -4.97 -18.45 2.83
C ILE B 4 -4.90 -19.97 2.72
N ILE B 5 -5.51 -20.51 1.67
CA ILE B 5 -5.54 -21.96 1.43
C ILE B 5 -4.64 -22.28 0.23
N HIS B 6 -3.70 -23.19 0.43
CA HIS B 6 -2.74 -23.59 -0.59
C HIS B 6 -3.19 -24.90 -1.23
N ILE B 7 -3.15 -24.95 -2.56
CA ILE B 7 -3.54 -26.15 -3.31
C ILE B 7 -2.45 -26.45 -4.33
N SER B 8 -1.80 -27.59 -4.17
CA SER B 8 -0.79 -28.06 -5.12
C SER B 8 -1.37 -29.18 -5.97
N THR B 9 -1.10 -29.13 -7.28
CA THR B 9 -1.69 -30.05 -8.23
C THR B 9 -0.62 -30.61 -9.15
N GLY B 10 -0.56 -31.94 -9.25
CA GLY B 10 0.37 -32.60 -10.14
C GLY B 10 1.73 -32.83 -9.52
N GLN B 11 2.59 -33.47 -10.32
CA GLN B 11 3.96 -33.73 -9.90
C GLN B 11 4.70 -32.44 -9.58
N CYS B 12 4.76 -31.55 -10.57
CA CYS B 12 5.47 -30.27 -10.41
C CYS B 12 4.85 -29.44 -9.30
N GLY B 13 3.53 -29.30 -9.31
CA GLY B 13 2.88 -28.49 -8.28
C GLY B 13 3.14 -29.01 -6.88
N ASN B 14 3.10 -30.33 -6.70
CA ASN B 14 3.36 -30.91 -5.39
C ASN B 14 4.81 -30.67 -4.95
N GLN B 15 5.77 -30.83 -5.88
CA GLN B 15 7.17 -30.59 -5.52
C GLN B 15 7.39 -29.13 -5.11
N ILE B 16 6.88 -28.20 -5.92
CA ILE B 16 6.98 -26.79 -5.56
C ILE B 16 6.33 -26.53 -4.21
N GLY B 17 5.17 -27.16 -3.97
CA GLY B 17 4.51 -26.99 -2.69
C GLY B 17 5.36 -27.45 -1.51
N ALA B 18 6.08 -28.57 -1.69
CA ALA B 18 6.98 -29.04 -0.66
C ALA B 18 8.06 -28.00 -0.36
N ALA B 19 8.70 -27.49 -1.41
CA ALA B 19 9.73 -26.46 -1.20
C ALA B 19 9.14 -25.23 -0.51
N PHE B 20 7.96 -24.79 -0.95
CA PHE B 20 7.33 -23.60 -0.37
C PHE B 20 7.05 -23.80 1.11
N TRP B 21 6.47 -24.93 1.48
CA TRP B 21 6.16 -25.18 2.88
C TRP B 21 7.44 -25.25 3.72
N GLU B 22 8.49 -25.86 3.17
CA GLU B 22 9.78 -25.86 3.86
C GLU B 22 10.26 -24.44 4.14
N THR B 23 10.16 -23.57 3.12
CA THR B 23 10.59 -22.19 3.28
C THR B 23 9.76 -21.47 4.35
N ILE B 24 8.43 -21.64 4.30
CA ILE B 24 7.55 -20.98 5.27
C ILE B 24 7.89 -21.44 6.69
N CYS B 25 8.08 -22.75 6.87
CA CYS B 25 8.43 -23.26 8.20
C CYS B 25 9.76 -22.69 8.65
N GLY B 26 10.73 -22.57 7.75
CA GLY B 26 12.00 -21.95 8.11
C GLY B 26 11.84 -20.50 8.53
N GLU B 27 10.97 -19.77 7.84
CA GLU B 27 10.75 -18.36 8.19
C GLU B 27 10.08 -18.22 9.54
N HIS B 28 9.10 -19.06 9.84
CA HIS B 28 8.36 -18.96 11.08
C HIS B 28 8.98 -19.75 12.22
N GLY B 29 10.05 -20.50 11.97
CA GLY B 29 10.67 -21.29 13.01
C GLY B 29 9.82 -22.45 13.48
N LEU B 30 9.43 -23.33 12.57
CA LEU B 30 8.64 -24.51 12.87
C LEU B 30 9.47 -25.78 12.63
N ASP B 31 9.40 -26.71 13.57
CA ASP B 31 10.01 -28.01 13.37
C ASP B 31 9.17 -28.82 12.38
N PHE B 32 9.81 -29.76 11.70
CA PHE B 32 9.12 -30.57 10.71
C PHE B 32 8.16 -31.57 11.34
N ASN B 33 8.13 -31.67 12.66
CA ASN B 33 7.16 -32.50 13.38
C ASN B 33 5.91 -31.72 13.79
N GLY B 34 5.79 -30.45 13.37
CA GLY B 34 4.61 -29.65 13.61
C GLY B 34 4.66 -28.80 14.87
N THR B 35 5.46 -29.18 15.85
CA THR B 35 5.64 -28.36 17.04
C THR B 35 6.56 -27.19 16.71
N TYR B 36 6.12 -25.98 17.03
CA TYR B 36 6.92 -24.80 16.73
C TYR B 36 8.22 -24.82 17.52
N HIS B 37 9.29 -24.34 16.89
CA HIS B 37 10.57 -24.15 17.59
C HIS B 37 10.60 -22.74 18.18
N GLY B 38 10.75 -21.74 17.32
CA GLY B 38 10.57 -20.37 17.74
C GLY B 38 9.16 -19.86 17.51
N HIS B 39 8.72 -18.97 18.40
CA HIS B 39 7.53 -18.15 18.15
C HIS B 39 7.83 -16.73 18.61
N ASP B 40 8.01 -15.82 17.68
CA ASP B 40 8.16 -14.42 17.99
C ASP B 40 6.92 -13.69 17.51
N ASP B 41 6.58 -12.58 18.17
CA ASP B 41 5.29 -11.94 17.96
C ASP B 41 5.02 -11.69 16.48
N ILE B 42 6.06 -11.35 15.70
CA ILE B 42 5.87 -11.19 14.26
C ILE B 42 5.63 -12.54 13.61
N GLN B 43 6.26 -13.61 14.10
CA GLN B 43 6.03 -14.94 13.57
C GLN B 43 4.76 -15.55 14.16
N LYS B 44 4.48 -15.28 15.44
CA LYS B 44 3.46 -16.02 16.19
C LYS B 44 2.05 -15.53 15.87
N GLU B 45 1.84 -14.23 15.76
CA GLU B 45 0.51 -13.70 15.48
C GLU B 45 -0.03 -14.21 14.16
N ARG B 46 0.74 -14.01 13.09
CA ARG B 46 0.30 -14.28 11.73
C ARG B 46 0.54 -15.72 11.30
N LEU B 47 0.92 -16.60 12.24
CA LEU B 47 0.89 -18.04 11.99
C LEU B 47 -0.44 -18.48 11.42
N ASN B 48 -1.52 -17.77 11.75
CA ASN B 48 -2.87 -18.14 11.29
C ASN B 48 -3.05 -18.00 9.79
N VAL B 49 -2.12 -17.33 9.10
CA VAL B 49 -2.28 -17.14 7.65
C VAL B 49 -2.19 -18.47 6.92
N TYR B 50 -1.06 -19.18 7.10
CA TYR B 50 -0.88 -20.47 6.46
C TYR B 50 -1.19 -21.68 7.35
N PHE B 51 -1.36 -21.49 8.66
CA PHE B 51 -1.41 -22.63 9.57
C PHE B 51 -2.65 -22.56 10.46
N ASN B 52 -3.22 -23.73 10.74
CA ASN B 52 -4.19 -23.90 11.82
C ASN B 52 -3.48 -24.49 13.02
N GLU B 53 -3.85 -24.03 14.21
CA GLU B 53 -3.28 -24.57 15.44
C GLU B 53 -4.17 -25.72 15.91
N ALA B 54 -3.67 -26.94 15.77
CA ALA B 54 -4.32 -28.13 16.29
C ALA B 54 -4.11 -28.23 17.80
N SER B 55 -4.91 -29.08 18.43
CA SER B 55 -4.81 -29.29 19.86
C SER B 55 -3.40 -29.70 20.25
N SER B 56 -3.02 -29.32 21.48
CA SER B 56 -1.70 -29.57 22.06
C SER B 56 -0.59 -28.78 21.35
N GLY B 57 -0.93 -27.64 20.75
CA GLY B 57 0.07 -26.74 20.23
C GLY B 57 0.78 -27.18 18.97
N LYS B 58 0.35 -28.28 18.35
CA LYS B 58 0.91 -28.71 17.08
C LYS B 58 0.28 -27.91 15.95
N TRP B 59 1.12 -27.32 15.10
CA TRP B 59 0.65 -26.48 14.00
C TRP B 59 0.63 -27.28 12.72
N VAL B 60 -0.48 -27.19 11.98
CA VAL B 60 -0.57 -27.90 10.70
C VAL B 60 -0.86 -26.90 9.60
N PRO B 61 -0.23 -27.01 8.44
CA PRO B 61 -0.48 -26.06 7.36
C PRO B 61 -1.80 -26.34 6.69
N ARG B 62 -2.46 -25.27 6.24
CA ARG B 62 -3.70 -25.44 5.51
C ARG B 62 -3.28 -25.58 4.05
N SER B 63 -3.31 -26.82 3.57
CA SER B 63 -2.71 -27.21 2.31
C SER B 63 -3.50 -28.39 1.77
N ILE B 64 -3.53 -28.51 0.46
CA ILE B 64 -4.19 -29.62 -0.20
C ILE B 64 -3.27 -30.11 -1.31
N ASN B 65 -2.81 -31.36 -1.21
CA ASN B 65 -1.89 -31.94 -2.17
C ASN B 65 -2.66 -32.96 -3.01
N VAL B 66 -2.84 -32.65 -4.28
CA VAL B 66 -3.63 -33.46 -5.19
C VAL B 66 -2.78 -33.87 -6.38
N ASP B 67 -2.81 -35.16 -6.73
CA ASP B 67 -2.35 -35.62 -8.03
C ASP B 67 -3.08 -36.89 -8.40
N LEU B 68 -2.84 -37.36 -9.62
CA LEU B 68 -3.34 -38.65 -10.08
C LEU B 68 -2.29 -39.75 -10.09
N GLU B 69 -1.07 -39.47 -9.65
CA GLU B 69 0.00 -40.47 -9.58
C GLU B 69 0.35 -40.71 -8.11
N PRO B 70 0.04 -41.88 -7.55
CA PRO B 70 0.28 -42.09 -6.11
C PRO B 70 1.74 -42.02 -5.71
N GLY B 71 2.67 -42.27 -6.62
CA GLY B 71 4.07 -42.37 -6.23
C GLY B 71 4.62 -41.07 -5.66
N THR B 72 4.26 -39.94 -6.27
CA THR B 72 4.73 -38.65 -5.79
C THR B 72 4.29 -38.39 -4.36
N ILE B 73 3.01 -38.63 -4.07
CA ILE B 73 2.49 -38.39 -2.74
C ILE B 73 3.06 -39.37 -1.74
N ASP B 74 3.32 -40.62 -2.16
CA ASP B 74 4.01 -41.56 -1.29
C ASP B 74 5.40 -41.03 -0.92
N ALA B 75 6.15 -40.56 -1.91
CA ALA B 75 7.47 -40.01 -1.65
C ALA B 75 7.40 -38.81 -0.72
N VAL B 76 6.39 -37.95 -0.89
CA VAL B 76 6.21 -36.82 0.01
C VAL B 76 5.94 -37.30 1.42
N ARG B 77 5.09 -38.30 1.58
CA ARG B 77 4.73 -38.78 2.90
C ARG B 77 5.90 -39.47 3.60
N ASN B 78 6.84 -40.01 2.84
CA ASN B 78 8.00 -40.66 3.44
C ASN B 78 9.21 -39.75 3.56
N SER B 79 9.12 -38.51 3.09
CA SER B 79 10.17 -37.53 3.30
C SER B 79 10.05 -36.92 4.70
N ALA B 80 11.17 -36.40 5.20
CA ALA B 80 11.13 -35.56 6.38
C ALA B 80 10.52 -34.20 6.00
N ILE B 81 9.49 -33.78 6.75
CA ILE B 81 8.38 -32.88 6.36
C ILE B 81 7.13 -33.66 5.95
N GLY B 82 7.23 -34.99 5.87
CA GLY B 82 6.02 -35.77 5.67
C GLY B 82 5.07 -35.76 6.85
N ASN B 83 5.57 -35.44 8.04
CA ASN B 83 4.75 -35.43 9.25
C ASN B 83 3.85 -34.21 9.31
N LEU B 84 4.32 -33.06 8.84
CA LEU B 84 3.62 -31.79 9.03
C LEU B 84 2.17 -31.86 8.56
N PHE B 85 1.92 -32.56 7.47
CA PHE B 85 0.61 -32.49 6.81
C PHE B 85 -0.36 -33.45 7.49
N ARG B 86 -1.58 -32.96 7.74
CA ARG B 86 -2.64 -33.85 8.20
C ARG B 86 -2.97 -34.84 7.09
N PRO B 87 -2.96 -36.14 7.37
CA PRO B 87 -3.11 -37.14 6.30
C PRO B 87 -4.39 -37.01 5.48
N ASP B 88 -5.38 -36.26 5.96
CA ASP B 88 -6.63 -36.10 5.23
C ASP B 88 -6.51 -35.16 4.02
N ASN B 89 -5.44 -34.39 3.90
CA ASN B 89 -5.32 -33.44 2.81
C ASN B 89 -4.60 -34.01 1.59
N TYR B 90 -4.15 -35.26 1.65
CA TYR B 90 -3.59 -35.94 0.49
C TYR B 90 -4.71 -36.64 -0.25
N ILE B 91 -4.86 -36.34 -1.54
CA ILE B 91 -5.95 -36.89 -2.36
C ILE B 91 -5.37 -37.31 -3.70
N PHE B 92 -5.55 -38.58 -4.06
CA PHE B 92 -4.99 -39.10 -5.30
C PHE B 92 -5.80 -40.30 -5.79
N GLY B 93 -5.87 -40.43 -7.11
CA GLY B 93 -6.44 -41.60 -7.74
C GLY B 93 -5.35 -42.56 -8.23
N GLN B 94 -5.78 -43.75 -8.63
CA GLN B 94 -4.84 -44.78 -9.04
C GLN B 94 -4.30 -44.53 -10.45
N SER B 95 -5.17 -44.26 -11.40
CA SER B 95 -4.81 -44.18 -12.81
C SER B 95 -4.53 -42.74 -13.20
N SER B 96 -3.33 -42.48 -13.73
CA SER B 96 -2.93 -41.14 -14.12
C SER B 96 -3.62 -40.72 -15.42
N ALA B 97 -3.32 -39.51 -15.87
CA ALA B 97 -3.82 -38.97 -17.12
C ALA B 97 -2.83 -39.12 -18.27
N GLY B 98 -1.72 -39.82 -18.07
CA GLY B 98 -0.63 -39.75 -19.03
C GLY B 98 -0.12 -38.33 -19.05
N ASN B 99 -0.04 -37.72 -20.23
CA ASN B 99 -0.17 -36.27 -20.32
C ASN B 99 -1.29 -36.00 -21.33
N VAL B 100 -2.51 -35.85 -20.83
CA VAL B 100 -3.68 -35.48 -21.64
C VAL B 100 -4.54 -34.58 -20.78
N TRP B 101 -4.79 -33.36 -21.27
CA TRP B 101 -5.61 -32.42 -20.52
C TRP B 101 -7.05 -32.88 -20.41
N ALA B 102 -7.53 -33.63 -21.41
CA ALA B 102 -8.93 -34.07 -21.43
C ALA B 102 -9.23 -35.04 -20.30
N LYS B 103 -8.35 -36.02 -20.08
CA LYS B 103 -8.58 -37.00 -19.03
C LYS B 103 -8.70 -36.33 -17.66
N GLY B 104 -7.73 -35.49 -17.32
CA GLY B 104 -7.77 -34.80 -16.04
C GLY B 104 -8.87 -33.79 -15.91
N HIS B 105 -9.37 -33.25 -17.02
CA HIS B 105 -10.38 -32.21 -16.92
C HIS B 105 -11.78 -32.77 -16.67
N TYR B 106 -12.16 -33.85 -17.35
CA TYR B 106 -13.45 -34.47 -17.02
C TYR B 106 -13.38 -35.99 -16.84
N THR B 107 -12.87 -36.74 -17.83
CA THR B 107 -12.90 -38.20 -17.77
C THR B 107 -12.29 -38.80 -16.50
N GLU B 108 -10.96 -38.81 -16.40
CA GLU B 108 -10.31 -39.41 -15.23
C GLU B 108 -10.16 -38.43 -14.08
N GLY B 109 -10.37 -37.14 -14.33
CA GLY B 109 -10.38 -36.17 -13.25
C GLY B 109 -11.61 -36.29 -12.36
N ALA B 110 -12.75 -36.65 -12.95
CA ALA B 110 -13.98 -36.83 -12.19
C ALA B 110 -13.87 -37.93 -11.14
N GLU B 111 -12.83 -38.76 -11.23
CA GLU B 111 -12.59 -39.78 -10.20
C GLU B 111 -12.36 -39.14 -8.84
N LEU B 112 -11.74 -37.96 -8.78
CA LEU B 112 -11.57 -37.32 -7.49
C LEU B 112 -12.56 -36.19 -7.29
N VAL B 113 -12.27 -34.98 -7.80
CA VAL B 113 -13.21 -33.86 -7.76
C VAL B 113 -13.79 -33.75 -6.35
N ASP B 114 -15.03 -34.21 -6.20
CA ASP B 114 -15.89 -33.99 -5.04
C ASP B 114 -15.18 -34.14 -3.70
N SER B 115 -14.27 -35.11 -3.57
CA SER B 115 -13.52 -35.24 -2.32
C SER B 115 -12.67 -34.00 -2.07
N VAL B 116 -11.95 -33.53 -3.10
CA VAL B 116 -11.16 -32.32 -2.98
C VAL B 116 -12.03 -31.13 -2.60
N MET B 117 -13.19 -31.01 -3.24
CA MET B 117 -14.10 -29.91 -2.92
C MET B 117 -14.59 -30.01 -1.47
N ASP B 118 -14.81 -31.24 -1.00
CA ASP B 118 -15.26 -31.43 0.38
C ASP B 118 -14.20 -30.99 1.37
N VAL B 119 -12.94 -31.37 1.14
CA VAL B 119 -11.89 -30.95 2.06
C VAL B 119 -11.65 -29.44 1.95
N ILE B 120 -11.87 -28.87 0.77
CA ILE B 120 -11.81 -27.41 0.63
C ILE B 120 -12.89 -26.75 1.48
N ARG B 121 -14.10 -27.31 1.45
CA ARG B 121 -15.18 -26.76 2.27
C ARG B 121 -14.87 -26.87 3.75
N ARG B 122 -14.31 -28.01 4.17
CA ARG B 122 -13.92 -28.16 5.58
C ARG B 122 -12.88 -27.13 5.98
N GLU B 123 -11.88 -26.92 5.12
CA GLU B 123 -10.86 -25.92 5.43
C GLU B 123 -11.44 -24.52 5.45
N ALA B 124 -12.40 -24.22 4.56
CA ALA B 124 -13.03 -22.92 4.53
C ALA B 124 -13.84 -22.67 5.81
N GLU B 125 -14.55 -23.69 6.28
CA GLU B 125 -15.30 -23.55 7.53
C GLU B 125 -14.37 -23.34 8.72
N GLY B 126 -13.18 -23.95 8.70
CA GLY B 126 -12.22 -23.81 9.77
C GLY B 126 -11.48 -22.50 9.84
N CYS B 127 -11.72 -21.58 8.90
CA CYS B 127 -11.04 -20.30 8.85
C CYS B 127 -12.01 -19.16 9.13
N ASP B 128 -11.57 -18.21 9.95
CA ASP B 128 -12.41 -17.07 10.29
C ASP B 128 -12.79 -16.28 9.04
N SER B 129 -11.79 -15.80 8.30
CA SER B 129 -12.03 -15.01 7.10
C SER B 129 -11.10 -15.48 5.99
N LEU B 130 -11.68 -16.05 4.93
CA LEU B 130 -10.88 -16.45 3.78
C LEU B 130 -10.35 -15.23 3.05
N GLN B 131 -9.09 -15.31 2.64
CA GLN B 131 -8.43 -14.27 1.84
C GLN B 131 -8.39 -14.67 0.37
N GLY B 132 -7.72 -15.78 0.08
CA GLY B 132 -7.69 -16.28 -1.28
C GLY B 132 -7.12 -17.68 -1.34
N PHE B 133 -6.84 -18.11 -2.56
CA PHE B 133 -6.29 -19.43 -2.83
C PHE B 133 -4.99 -19.28 -3.60
N GLN B 134 -3.99 -20.07 -3.21
CA GLN B 134 -2.76 -20.23 -3.96
C GLN B 134 -2.79 -21.60 -4.65
N ILE B 135 -2.69 -21.61 -5.97
CA ILE B 135 -2.79 -22.83 -6.74
C ILE B 135 -1.49 -23.02 -7.51
N THR B 136 -0.73 -24.06 -7.16
CA THR B 136 0.57 -24.34 -7.74
C THR B 136 0.45 -25.59 -8.60
N HIS B 137 0.73 -25.43 -9.90
CA HIS B 137 0.61 -26.54 -10.84
C HIS B 137 1.51 -26.23 -12.04
N SER B 138 1.55 -27.15 -12.99
CA SER B 138 2.32 -26.96 -14.22
C SER B 138 1.38 -26.97 -15.42
N LEU B 139 1.30 -25.83 -16.10
CA LEU B 139 0.73 -25.81 -17.43
C LEU B 139 1.48 -26.78 -18.33
N GLY B 140 0.74 -27.50 -19.16
CA GLY B 140 1.36 -28.48 -20.04
C GLY B 140 1.56 -29.85 -19.45
N GLY B 141 0.85 -30.18 -18.37
CA GLY B 141 0.73 -31.54 -17.90
C GLY B 141 -0.67 -32.09 -18.15
N GLY B 142 -0.84 -33.36 -17.80
CA GLY B 142 -2.18 -33.94 -17.76
C GLY B 142 -2.98 -33.62 -16.51
N THR B 143 -2.35 -33.86 -15.35
CA THR B 143 -3.03 -33.65 -14.07
C THR B 143 -3.02 -32.18 -13.65
N GLY B 144 -1.85 -31.54 -13.73
CA GLY B 144 -1.75 -30.16 -13.27
C GLY B 144 -2.58 -29.20 -14.11
N SER B 145 -2.61 -29.42 -15.43
CA SER B 145 -3.38 -28.56 -16.32
C SER B 145 -4.87 -28.85 -16.22
N GLY B 146 -5.30 -30.05 -16.58
CA GLY B 146 -6.71 -30.37 -16.65
C GLY B 146 -7.44 -30.36 -15.32
N MET B 147 -6.97 -31.18 -14.36
CA MET B 147 -7.58 -31.19 -13.04
C MET B 147 -7.45 -29.84 -12.37
N GLY B 148 -6.33 -29.15 -12.61
CA GLY B 148 -6.15 -27.83 -12.01
C GLY B 148 -7.17 -26.83 -12.49
N THR B 149 -7.37 -26.73 -13.81
CA THR B 149 -8.34 -25.79 -14.35
C THR B 149 -9.75 -26.14 -13.89
N LEU B 150 -10.11 -27.43 -13.94
CA LEU B 150 -11.43 -27.85 -13.45
C LEU B 150 -11.62 -27.44 -12.00
N LEU B 151 -10.62 -27.71 -11.16
CA LEU B 151 -10.70 -27.35 -9.74
C LEU B 151 -10.85 -25.85 -9.56
N ILE B 152 -10.13 -25.07 -10.35
CA ILE B 152 -10.26 -23.61 -10.29
C ILE B 152 -11.69 -23.18 -10.62
N SER B 153 -12.27 -23.81 -11.65
CA SER B 153 -13.65 -23.49 -12.02
C SER B 153 -14.61 -23.77 -10.86
N LYS B 154 -14.47 -24.94 -10.23
CA LYS B 154 -15.35 -25.27 -9.10
C LYS B 154 -15.15 -24.29 -7.96
N ILE B 155 -13.90 -23.97 -7.63
CA ILE B 155 -13.61 -23.11 -6.49
C ILE B 155 -14.19 -21.71 -6.71
N ARG B 156 -13.98 -21.15 -7.91
CA ARG B 156 -14.57 -19.85 -8.18
C ARG B 156 -16.09 -19.91 -8.20
N GLU B 157 -16.66 -21.03 -8.65
CA GLU B 157 -18.11 -21.18 -8.60
C GLU B 157 -18.63 -21.09 -7.17
N GLU B 158 -17.94 -21.75 -6.23
CA GLU B 158 -18.39 -21.69 -4.84
C GLU B 158 -17.92 -20.44 -4.10
N PHE B 159 -16.73 -19.92 -4.41
CA PHE B 159 -16.16 -18.77 -3.71
C PHE B 159 -15.81 -17.69 -4.74
N PRO B 160 -16.82 -16.97 -5.26
CA PRO B 160 -16.56 -16.04 -6.37
C PRO B 160 -15.79 -14.80 -5.96
N ASP B 161 -15.90 -14.35 -4.72
CA ASP B 161 -15.30 -13.11 -4.26
C ASP B 161 -13.93 -13.30 -3.58
N ARG B 162 -13.35 -14.49 -3.65
CA ARG B 162 -12.03 -14.74 -3.09
C ARG B 162 -10.96 -14.69 -4.19
N MET B 163 -9.78 -14.23 -3.80
CA MET B 163 -8.69 -14.06 -4.77
C MET B 163 -8.13 -15.41 -5.20
N MET B 164 -7.99 -15.60 -6.51
CA MET B 164 -7.39 -16.79 -7.08
C MET B 164 -6.04 -16.40 -7.69
N ALA B 165 -4.96 -16.78 -7.01
CA ALA B 165 -3.61 -16.46 -7.44
C ALA B 165 -2.93 -17.76 -7.82
N THR B 166 -2.68 -17.94 -9.12
CA THR B 166 -2.11 -19.17 -9.64
C THR B 166 -0.66 -18.95 -10.04
N PHE B 167 0.19 -19.91 -9.67
CA PHE B 167 1.58 -19.91 -10.11
C PHE B 167 1.72 -21.01 -11.14
N SER B 168 1.83 -20.61 -12.41
CA SER B 168 1.82 -21.53 -13.52
C SER B 168 3.24 -21.73 -14.04
N VAL B 169 3.59 -22.98 -14.30
CA VAL B 169 4.88 -23.34 -14.89
C VAL B 169 4.62 -23.63 -16.37
N LEU B 170 5.11 -22.74 -17.23
CA LEU B 170 4.83 -22.72 -18.66
C LEU B 170 5.81 -23.58 -19.44
N PRO B 171 5.45 -23.94 -20.67
CA PRO B 171 6.42 -24.58 -21.57
C PRO B 171 7.61 -23.67 -21.85
N SER B 172 8.76 -24.30 -22.14
CA SER B 172 9.99 -23.60 -22.45
C SER B 172 10.24 -23.60 -23.96
N PRO B 173 10.57 -22.44 -24.55
CA PRO B 173 10.78 -22.39 -26.00
C PRO B 173 11.99 -23.19 -26.47
N LYS B 174 12.93 -23.54 -25.58
CA LYS B 174 14.09 -24.33 -25.94
C LYS B 174 13.97 -25.72 -25.29
N THR B 175 13.62 -26.73 -26.10
CA THR B 175 13.74 -28.15 -25.75
C THR B 175 12.95 -28.53 -24.49
N SER B 176 11.64 -28.60 -24.65
CA SER B 176 10.79 -29.15 -23.58
C SER B 176 10.81 -30.68 -23.59
N ASP B 177 10.53 -31.27 -22.43
CA ASP B 177 10.56 -32.72 -22.28
C ASP B 177 9.29 -33.41 -22.76
N THR B 178 8.18 -32.68 -22.87
CA THR B 178 6.88 -33.26 -23.23
C THR B 178 6.48 -32.87 -24.65
N VAL B 179 5.89 -33.82 -25.37
CA VAL B 179 5.61 -33.65 -26.79
C VAL B 179 4.32 -32.89 -27.03
N VAL B 180 3.22 -33.28 -26.37
CA VAL B 180 1.90 -32.73 -26.63
C VAL B 180 1.57 -31.56 -25.70
N GLU B 181 2.54 -31.12 -24.91
CA GLU B 181 2.47 -29.98 -24.00
C GLU B 181 1.77 -28.76 -24.59
N PRO B 182 2.02 -28.39 -25.86
CA PRO B 182 1.27 -27.25 -26.44
C PRO B 182 -0.25 -27.41 -26.38
N TYR B 183 -0.77 -28.58 -26.76
CA TYR B 183 -2.20 -28.83 -26.68
C TYR B 183 -2.73 -28.58 -25.27
N ASN B 184 -2.09 -29.20 -24.28
CA ASN B 184 -2.51 -29.06 -22.89
C ASN B 184 -2.46 -27.59 -22.45
N ALA B 185 -1.39 -26.88 -22.79
CA ALA B 185 -1.23 -25.51 -22.33
C ALA B 185 -2.31 -24.60 -22.91
N THR B 186 -2.57 -24.73 -24.22
CA THR B 186 -3.62 -23.92 -24.84
C THR B 186 -4.98 -24.21 -24.21
N LEU B 187 -5.33 -25.50 -24.09
CA LEU B 187 -6.58 -25.88 -23.44
C LEU B 187 -6.68 -25.30 -22.04
N SER B 188 -5.56 -25.27 -21.31
CA SER B 188 -5.58 -24.77 -19.93
C SER B 188 -5.78 -23.27 -19.88
N VAL B 189 -5.07 -22.52 -20.72
CA VAL B 189 -5.19 -21.06 -20.73
C VAL B 189 -6.62 -20.65 -21.07
N HIS B 190 -7.30 -21.42 -21.93
CA HIS B 190 -8.70 -21.16 -22.24
C HIS B 190 -9.52 -20.94 -20.96
N GLN B 191 -9.39 -21.84 -19.98
CA GLN B 191 -10.12 -21.72 -18.71
C GLN B 191 -9.45 -20.73 -17.76
N LEU B 192 -8.12 -20.69 -17.78
CA LEU B 192 -7.36 -19.88 -16.83
C LEU B 192 -7.72 -18.40 -16.97
N VAL B 193 -7.90 -17.92 -18.19
CA VAL B 193 -8.24 -16.51 -18.35
C VAL B 193 -9.65 -16.20 -17.87
N GLU B 194 -10.53 -17.21 -17.80
CA GLU B 194 -11.89 -17.00 -17.34
C GLU B 194 -12.06 -17.15 -15.84
N HIS B 195 -11.09 -17.74 -15.14
CA HIS B 195 -11.25 -17.97 -13.71
C HIS B 195 -10.17 -17.30 -12.86
N SER B 196 -8.89 -17.58 -13.10
CA SER B 196 -7.83 -17.03 -12.27
C SER B 196 -7.85 -15.51 -12.23
N ASP B 197 -7.66 -14.94 -11.02
CA ASP B 197 -7.57 -13.50 -10.86
C ASP B 197 -6.19 -12.97 -11.22
N GLU B 198 -5.13 -13.66 -10.79
CA GLU B 198 -3.77 -13.31 -11.18
C GLU B 198 -2.97 -14.59 -11.37
N THR B 199 -2.26 -14.67 -12.50
CA THR B 199 -1.47 -15.84 -12.86
C THR B 199 -0.02 -15.41 -13.08
N PHE B 200 0.88 -15.97 -12.29
CA PHE B 200 2.31 -15.66 -12.39
C PHE B 200 2.96 -16.71 -13.29
N CYS B 201 3.42 -16.29 -14.46
CA CYS B 201 4.00 -17.18 -15.44
C CYS B 201 5.48 -17.37 -15.18
N ILE B 202 5.91 -18.63 -15.09
CA ILE B 202 7.31 -18.99 -14.89
C ILE B 202 7.63 -20.11 -15.86
N ASP B 203 8.84 -20.08 -16.44
CA ASP B 203 9.30 -21.17 -17.29
C ASP B 203 10.68 -21.64 -16.84
N ASN B 204 10.90 -22.95 -16.96
CA ASN B 204 12.09 -23.58 -16.39
C ASN B 204 13.37 -23.15 -17.08
N GLU B 205 13.30 -22.82 -18.37
CA GLU B 205 14.52 -22.47 -19.11
C GLU B 205 15.13 -21.18 -18.57
N ALA B 206 14.30 -20.18 -18.25
CA ALA B 206 14.82 -18.95 -17.66
C ALA B 206 15.47 -19.23 -16.31
N LEU B 207 14.86 -20.11 -15.51
CA LEU B 207 15.45 -20.48 -14.24
C LEU B 207 16.81 -21.13 -14.44
N TYR B 208 16.91 -22.07 -15.38
CA TYR B 208 18.19 -22.70 -15.68
C TYR B 208 19.22 -21.66 -16.13
N ASP B 209 18.79 -20.70 -16.95
CA ASP B 209 19.70 -19.65 -17.40
C ASP B 209 20.21 -18.83 -16.23
N ILE B 210 19.34 -18.52 -15.26
CA ILE B 210 19.78 -17.86 -14.05
C ILE B 210 20.80 -18.74 -13.32
N CYS B 211 20.50 -20.04 -13.21
CA CYS B 211 21.37 -20.97 -12.50
C CYS B 211 22.78 -20.97 -13.07
N GLN B 212 22.92 -21.10 -14.39
CA GLN B 212 24.24 -21.23 -14.97
C GLN B 212 24.92 -19.88 -15.18
N ARG B 213 24.17 -18.85 -15.55
CA ARG B 213 24.76 -17.56 -15.90
C ARG B 213 25.21 -16.79 -14.66
N THR B 214 24.24 -16.31 -13.87
CA THR B 214 24.58 -15.50 -12.72
C THR B 214 25.20 -16.33 -11.60
N LEU B 215 24.75 -17.58 -11.46
CA LEU B 215 25.12 -18.41 -10.31
C LEU B 215 26.23 -19.42 -10.62
N LYS B 216 26.68 -19.52 -11.87
CA LYS B 216 27.85 -20.32 -12.26
C LYS B 216 27.78 -21.75 -11.74
N LEU B 217 26.66 -22.40 -12.01
CA LEU B 217 26.33 -23.67 -11.39
C LEU B 217 27.03 -24.84 -12.12
N ASN B 218 27.23 -25.92 -11.37
CA ASN B 218 27.57 -27.24 -11.92
C ASN B 218 26.36 -28.15 -11.71
N GLN B 219 25.63 -28.42 -12.79
CA GLN B 219 24.50 -29.36 -12.81
C GLN B 219 23.38 -29.08 -11.80
N PRO B 220 22.51 -28.10 -12.07
CA PRO B 220 21.35 -27.85 -11.20
C PRO B 220 20.37 -29.01 -11.16
N SER B 221 19.47 -28.95 -10.18
CA SER B 221 18.41 -29.94 -9.97
C SER B 221 17.06 -29.23 -9.88
N TYR B 222 15.97 -30.01 -9.97
CA TYR B 222 14.65 -29.40 -9.90
C TYR B 222 14.41 -28.71 -8.56
N GLY B 223 14.83 -29.33 -7.46
CA GLY B 223 14.63 -28.70 -6.16
C GLY B 223 15.26 -27.32 -6.08
N ASP B 224 16.38 -27.14 -6.77
CA ASP B 224 17.03 -25.84 -6.83
C ASP B 224 16.12 -24.78 -7.46
N LEU B 225 15.54 -25.10 -8.61
CA LEU B 225 14.61 -24.18 -9.27
C LEU B 225 13.38 -23.94 -8.38
N ASN B 226 12.85 -25.01 -7.80
CA ASN B 226 11.71 -24.90 -6.91
C ASN B 226 11.99 -23.95 -5.74
N ASN B 227 13.25 -23.89 -5.28
CA ASN B 227 13.58 -22.96 -4.20
C ASN B 227 13.42 -21.51 -4.65
N LEU B 228 13.83 -21.19 -5.88
CA LEU B 228 13.60 -19.86 -6.42
C LEU B 228 12.11 -19.53 -6.44
N VAL B 229 11.31 -20.44 -7.02
CA VAL B 229 9.87 -20.20 -7.08
C VAL B 229 9.29 -20.00 -5.68
N SER B 230 9.74 -20.82 -4.72
CA SER B 230 9.27 -20.71 -3.35
C SER B 230 9.63 -19.36 -2.75
N SER B 231 10.83 -18.86 -3.04
CA SER B 231 11.22 -17.55 -2.54
C SER B 231 10.31 -16.46 -3.10
N VAL B 232 9.98 -16.54 -4.39
CA VAL B 232 9.06 -15.56 -4.97
C VAL B 232 7.69 -15.63 -4.28
N MET B 233 7.17 -16.85 -4.10
CA MET B 233 5.89 -17.03 -3.41
C MET B 233 5.93 -16.39 -2.03
N SER B 234 6.98 -16.66 -1.26
CA SER B 234 7.14 -16.04 0.05
C SER B 234 7.11 -14.52 -0.06
N GLY B 235 7.86 -13.98 -1.03
CA GLY B 235 7.92 -12.53 -1.18
C GLY B 235 6.57 -11.90 -1.46
N VAL B 236 5.69 -12.58 -2.18
CA VAL B 236 4.38 -12.00 -2.51
C VAL B 236 3.57 -11.76 -1.24
N THR B 237 3.50 -12.75 -0.36
CA THR B 237 2.61 -12.71 0.79
C THR B 237 3.28 -12.17 2.06
N THR B 238 4.51 -11.66 1.96
CA THR B 238 5.23 -11.19 3.14
C THR B 238 4.44 -10.13 3.89
N SER B 239 3.82 -9.18 3.18
CA SER B 239 3.10 -8.11 3.85
C SER B 239 1.82 -8.59 4.54
N LEU B 240 1.37 -9.81 4.25
CA LEU B 240 0.19 -10.34 4.92
C LEU B 240 0.53 -10.91 6.30
N ARG B 241 1.68 -11.56 6.43
CA ARG B 241 2.10 -12.19 7.67
C ARG B 241 3.10 -11.37 8.49
N TYR B 242 3.44 -10.16 8.06
CA TYR B 242 4.46 -9.38 8.76
C TYR B 242 4.08 -7.91 8.70
N PRO B 243 4.56 -7.09 9.64
CA PRO B 243 4.31 -5.65 9.60
C PRO B 243 5.25 -4.97 8.61
N GLY B 244 5.08 -3.66 8.46
CA GLY B 244 5.92 -2.91 7.55
C GLY B 244 5.45 -1.48 7.40
N GLN B 245 6.12 -0.77 6.49
CA GLN B 245 5.81 0.63 6.21
C GLN B 245 4.64 0.75 5.24
N LEU B 246 4.81 0.24 4.03
CA LEU B 246 3.73 0.16 3.05
C LEU B 246 3.33 -1.30 2.92
N ASN B 247 2.23 -1.67 3.55
CA ASN B 247 1.72 -3.03 3.49
C ASN B 247 0.90 -3.24 2.21
N SER B 248 0.80 -4.49 1.79
CA SER B 248 0.12 -4.82 0.54
C SER B 248 -0.74 -6.06 0.72
N ASP B 249 -1.68 -6.22 -0.21
CA ASP B 249 -2.67 -7.29 -0.17
C ASP B 249 -2.85 -7.85 -1.57
N LEU B 250 -3.47 -9.04 -1.65
CA LEU B 250 -3.70 -9.65 -2.96
C LEU B 250 -4.67 -8.82 -3.80
N ARG B 251 -5.76 -8.35 -3.18
CA ARG B 251 -6.66 -7.42 -3.88
C ARG B 251 -5.91 -6.17 -4.31
N LYS B 252 -5.01 -5.68 -3.48
CA LYS B 252 -4.23 -4.50 -3.85
C LYS B 252 -3.30 -4.80 -5.03
N LEU B 253 -2.68 -5.97 -5.03
CA LEU B 253 -1.88 -6.39 -6.18
C LEU B 253 -2.73 -6.39 -7.45
N ALA B 254 -3.93 -6.97 -7.37
CA ALA B 254 -4.80 -7.00 -8.54
C ALA B 254 -5.18 -5.60 -9.00
N VAL B 255 -5.52 -4.72 -8.05
CA VAL B 255 -5.97 -3.37 -8.41
C VAL B 255 -4.83 -2.61 -9.09
N ASN B 256 -3.63 -2.66 -8.51
CA ASN B 256 -2.52 -1.90 -9.07
C ASN B 256 -2.03 -2.50 -10.40
N LEU B 257 -2.11 -3.82 -10.55
CA LEU B 257 -1.50 -4.50 -11.69
C LEU B 257 -2.48 -4.88 -12.81
N VAL B 258 -3.77 -4.66 -12.65
CA VAL B 258 -4.72 -5.16 -13.65
C VAL B 258 -5.53 -4.01 -14.24
N PRO B 259 -5.07 -3.41 -15.34
CA PRO B 259 -5.91 -2.40 -16.00
C PRO B 259 -7.16 -2.99 -16.62
N PHE B 260 -7.04 -4.16 -17.25
CA PHE B 260 -8.17 -4.77 -17.92
C PHE B 260 -8.24 -6.23 -17.47
N PRO B 261 -9.45 -6.78 -17.30
CA PRO B 261 -9.57 -8.19 -16.86
C PRO B 261 -8.72 -9.16 -17.66
N ARG B 262 -8.50 -8.90 -18.95
CA ARG B 262 -7.76 -9.81 -19.80
C ARG B 262 -6.25 -9.67 -19.67
N LEU B 263 -5.75 -8.68 -18.92
CA LEU B 263 -4.32 -8.68 -18.61
C LEU B 263 -4.19 -8.91 -17.10
N HIS B 264 -4.12 -10.18 -16.71
CA HIS B 264 -3.74 -10.58 -15.36
C HIS B 264 -2.41 -11.33 -15.30
N PHE B 265 -1.69 -11.43 -16.42
CA PHE B 265 -0.48 -12.24 -16.49
C PHE B 265 0.75 -11.41 -16.10
N PHE B 266 1.66 -12.01 -15.35
CA PHE B 266 2.76 -11.27 -14.76
C PHE B 266 4.09 -12.01 -14.90
N MET B 267 5.15 -11.21 -15.07
CA MET B 267 6.53 -11.67 -14.96
C MET B 267 7.04 -11.39 -13.56
N VAL B 268 7.90 -12.27 -13.07
CA VAL B 268 8.49 -12.13 -11.75
C VAL B 268 10.01 -12.07 -11.87
N GLY B 269 10.61 -11.37 -10.91
CA GLY B 269 12.06 -11.29 -10.83
C GLY B 269 12.45 -11.16 -9.38
N TYR B 270 13.69 -11.51 -9.07
CA TYR B 270 14.13 -11.60 -7.69
C TYR B 270 15.56 -11.09 -7.56
N ALA B 271 15.84 -10.43 -6.45
CA ALA B 271 17.17 -9.91 -6.18
C ALA B 271 17.51 -9.99 -4.69
N PRO B 272 18.79 -10.21 -4.36
CA PRO B 272 19.92 -10.34 -5.29
C PRO B 272 20.18 -11.77 -5.74
N LEU B 273 21.11 -11.95 -6.68
CA LEU B 273 21.59 -13.28 -7.07
C LEU B 273 23.10 -13.22 -7.29
N THR B 274 23.88 -13.92 -6.47
CA THR B 274 25.33 -13.94 -6.60
C THR B 274 25.84 -15.35 -6.35
N ALA B 275 26.78 -15.79 -7.19
CA ALA B 275 27.36 -17.12 -7.08
C ALA B 275 28.14 -17.28 -5.77
N ILE B 276 28.31 -18.54 -5.36
CA ILE B 276 28.97 -18.85 -4.09
C ILE B 276 30.35 -18.24 -4.03
N GLY B 277 30.71 -17.73 -2.86
CA GLY B 277 32.07 -17.31 -2.56
C GLY B 277 32.38 -15.88 -2.95
N SER B 278 31.65 -15.33 -3.92
CA SER B 278 31.74 -13.92 -4.26
C SER B 278 30.76 -13.10 -3.44
N GLN B 279 30.07 -13.72 -2.49
CA GLN B 279 29.21 -12.99 -1.56
C GLN B 279 29.98 -11.90 -0.81
N SER B 280 31.26 -12.14 -0.51
CA SER B 280 32.05 -11.16 0.23
C SER B 280 32.34 -9.91 -0.60
N PHE B 281 32.34 -10.04 -1.92
CA PHE B 281 32.66 -8.94 -2.83
C PHE B 281 31.44 -8.11 -3.22
N ARG B 282 30.30 -8.33 -2.55
CA ARG B 282 29.06 -7.66 -2.88
C ARG B 282 28.67 -6.65 -1.81
N SER B 283 27.93 -5.63 -2.23
CA SER B 283 27.29 -4.67 -1.34
C SER B 283 25.80 -4.70 -1.60
N LEU B 284 25.00 -4.80 -0.55
CA LEU B 284 23.54 -4.83 -0.70
C LEU B 284 23.06 -3.39 -0.63
N THR B 285 22.67 -2.85 -1.78
CA THR B 285 22.17 -1.49 -1.90
C THR B 285 20.89 -1.52 -2.71
N VAL B 286 19.94 -0.67 -2.32
CA VAL B 286 18.65 -0.57 -3.01
C VAL B 286 18.88 -0.29 -4.50
N PRO B 287 19.82 0.59 -4.88
CA PRO B 287 20.15 0.70 -6.31
C PRO B 287 20.59 -0.61 -6.94
N GLU B 288 21.45 -1.37 -6.27
CA GLU B 288 21.92 -2.64 -6.84
C GLU B 288 20.77 -3.62 -7.00
N LEU B 289 19.89 -3.72 -5.98
CA LEU B 289 18.74 -4.60 -6.09
C LEU B 289 17.83 -4.19 -7.24
N THR B 290 17.63 -2.88 -7.42
CA THR B 290 16.80 -2.40 -8.52
C THR B 290 17.42 -2.77 -9.87
N GLN B 291 18.73 -2.56 -10.02
CA GLN B 291 19.44 -2.97 -11.22
C GLN B 291 19.25 -4.46 -11.48
N GLN B 292 19.39 -5.27 -10.44
CA GLN B 292 19.18 -6.72 -10.58
C GLN B 292 17.76 -7.03 -11.05
N MET B 293 16.77 -6.30 -10.53
CA MET B 293 15.39 -6.63 -10.82
C MET B 293 14.99 -6.24 -12.24
N PHE B 294 15.52 -5.14 -12.77
CA PHE B 294 15.18 -4.77 -14.14
C PHE B 294 16.11 -5.39 -15.17
N ASP B 295 17.10 -6.18 -14.75
CA ASP B 295 17.96 -6.86 -15.70
C ASP B 295 17.20 -7.99 -16.39
N ALA B 296 17.31 -8.06 -17.72
CA ALA B 296 16.55 -9.04 -18.48
C ALA B 296 16.98 -10.47 -18.15
N LYS B 297 18.23 -10.66 -17.75
CA LYS B 297 18.69 -11.99 -17.34
C LYS B 297 17.98 -12.48 -16.09
N ASN B 298 17.45 -11.56 -15.28
CA ASN B 298 16.77 -11.89 -14.04
C ASN B 298 15.25 -11.99 -14.19
N MET B 299 14.73 -11.92 -15.43
CA MET B 299 13.36 -12.31 -15.67
C MET B 299 13.23 -13.83 -15.61
N MET B 300 12.17 -14.30 -14.96
CA MET B 300 11.91 -15.73 -14.84
C MET B 300 10.96 -16.25 -15.91
N ALA B 301 10.47 -15.37 -16.79
CA ALA B 301 9.79 -15.75 -18.01
C ALA B 301 10.73 -15.51 -19.19
N ALA B 302 10.59 -16.33 -20.22
CA ALA B 302 11.53 -16.37 -21.33
C ALA B 302 11.30 -15.26 -22.36
N ALA B 303 10.44 -14.29 -22.04
CA ALA B 303 10.22 -13.14 -22.90
C ALA B 303 11.30 -12.08 -22.71
N ASP B 304 11.50 -11.27 -23.76
CA ASP B 304 12.44 -10.16 -23.72
C ASP B 304 11.72 -8.92 -23.18
N PRO B 305 12.01 -8.47 -21.95
CA PRO B 305 11.26 -7.34 -21.40
C PRO B 305 11.57 -6.01 -22.06
N ARG B 306 12.75 -5.85 -22.64
CA ARG B 306 13.09 -4.62 -23.35
C ARG B 306 12.29 -4.50 -24.64
N ASN B 307 11.88 -5.62 -25.22
CA ASN B 307 11.12 -5.61 -26.47
C ASN B 307 9.73 -5.03 -26.26
N GLY B 308 9.06 -5.43 -25.18
CA GLY B 308 7.73 -4.95 -24.87
C GLY B 308 7.76 -3.62 -24.13
N ARG B 309 6.64 -3.32 -23.47
CA ARG B 309 6.50 -2.09 -22.69
C ARG B 309 5.77 -2.39 -21.40
N TYR B 310 6.27 -1.82 -20.30
CA TYR B 310 5.71 -2.07 -18.98
C TYR B 310 4.41 -1.28 -18.81
N LEU B 311 3.33 -1.98 -18.50
CA LEU B 311 2.09 -1.32 -18.12
C LEU B 311 2.12 -0.89 -16.66
N THR B 312 2.18 -1.85 -15.76
CA THR B 312 2.13 -1.62 -14.32
C THR B 312 3.18 -2.50 -13.64
N VAL B 313 3.86 -1.93 -12.65
CA VAL B 313 4.90 -2.64 -11.92
C VAL B 313 4.61 -2.54 -10.43
N ALA B 314 4.90 -3.62 -9.70
CA ALA B 314 4.81 -3.65 -8.24
C ALA B 314 6.09 -4.26 -7.71
N ALA B 315 6.84 -3.47 -6.95
CA ALA B 315 8.07 -3.91 -6.31
C ALA B 315 7.85 -4.12 -4.83
N PHE B 316 8.55 -5.11 -4.26
CA PHE B 316 8.42 -5.44 -2.85
C PHE B 316 9.81 -5.60 -2.25
N PHE B 317 10.12 -4.79 -1.25
CA PHE B 317 11.41 -4.83 -0.60
C PHE B 317 11.27 -5.40 0.79
N ARG B 318 12.32 -6.11 1.22
CA ARG B 318 12.38 -6.73 2.54
C ARG B 318 13.72 -6.41 3.18
N GLY B 319 13.71 -6.28 4.51
CA GLY B 319 14.93 -5.98 5.23
C GLY B 319 15.15 -4.51 5.50
N LYS B 320 16.40 -4.07 5.57
CA LYS B 320 16.67 -2.69 5.96
C LYS B 320 16.59 -1.84 4.70
N VAL B 321 15.47 -1.14 4.54
CA VAL B 321 15.20 -0.36 3.34
C VAL B 321 14.49 0.92 3.74
N SER B 322 15.02 2.04 3.25
CA SER B 322 14.33 3.31 3.39
C SER B 322 13.32 3.46 2.26
N VAL B 323 12.14 3.98 2.59
CA VAL B 323 11.15 4.26 1.55
C VAL B 323 11.69 5.31 0.58
N LYS B 324 12.42 6.29 1.11
CA LYS B 324 12.99 7.34 0.27
C LYS B 324 13.96 6.77 -0.76
N GLU B 325 14.84 5.86 -0.34
CA GLU B 325 15.75 5.20 -1.27
C GLU B 325 15.00 4.52 -2.40
N VAL B 326 13.98 3.73 -2.04
CA VAL B 326 13.21 3.00 -3.04
C VAL B 326 12.54 3.97 -4.01
N GLU B 327 11.97 5.06 -3.48
CA GLU B 327 11.37 6.08 -4.33
C GLU B 327 12.40 6.64 -5.32
N ASP B 328 13.59 6.97 -4.81
CA ASP B 328 14.64 7.55 -5.65
C ASP B 328 15.03 6.59 -6.77
N GLU B 329 15.44 5.37 -6.41
CA GLU B 329 15.92 4.43 -7.42
C GLU B 329 14.82 4.07 -8.42
N MET B 330 13.61 3.85 -7.91
CA MET B 330 12.48 3.56 -8.78
C MET B 330 12.27 4.67 -9.81
N HIS B 331 12.26 5.93 -9.34
CA HIS B 331 12.05 7.02 -10.26
C HIS B 331 13.21 7.18 -11.24
N LYS B 332 14.44 6.89 -10.80
CA LYS B 332 15.58 6.91 -11.70
C LYS B 332 15.41 5.91 -12.83
N VAL B 333 14.98 4.68 -12.49
CA VAL B 333 14.73 3.67 -13.49
C VAL B 333 13.62 4.11 -14.43
N GLN B 334 12.58 4.75 -13.87
CA GLN B 334 11.46 5.21 -14.70
C GLN B 334 11.92 6.27 -15.70
N SER B 335 12.73 7.23 -15.25
CA SER B 335 13.14 8.33 -16.12
C SER B 335 14.18 7.91 -17.15
N LYS B 336 15.22 7.19 -16.69
CA LYS B 336 16.31 6.78 -17.56
C LYS B 336 15.79 5.90 -18.71
N ASN B 337 15.02 4.88 -18.36
CA ASN B 337 14.55 3.84 -19.28
C ASN B 337 13.14 4.09 -19.81
N SER B 338 12.64 5.33 -19.75
CA SER B 338 11.25 5.66 -20.02
C SER B 338 10.74 5.15 -21.36
N ASP B 339 11.62 4.67 -22.23
CA ASP B 339 11.18 3.99 -23.45
C ASP B 339 10.47 2.67 -23.16
N TYR B 340 10.73 2.05 -22.00
CA TYR B 340 10.13 0.78 -21.65
C TYR B 340 8.81 0.92 -20.90
N PHE B 341 8.43 2.13 -20.50
CA PHE B 341 7.24 2.36 -19.69
C PHE B 341 6.18 3.06 -20.52
N VAL B 342 4.96 2.54 -20.49
CA VAL B 342 3.86 3.09 -21.27
C VAL B 342 3.53 4.49 -20.78
N GLU B 343 3.37 5.42 -21.71
CA GLU B 343 3.06 6.80 -21.36
C GLU B 343 1.61 7.00 -20.95
N TRP B 344 0.73 6.06 -21.33
CA TRP B 344 -0.70 6.22 -21.03
C TRP B 344 -0.99 6.19 -19.53
N ILE B 345 -0.18 5.49 -18.75
CA ILE B 345 -0.40 5.40 -17.31
C ILE B 345 0.75 6.15 -16.63
N PRO B 346 0.49 7.33 -16.04
CA PRO B 346 1.57 8.11 -15.42
C PRO B 346 2.29 7.40 -14.28
N ASN B 347 1.56 6.72 -13.40
CA ASN B 347 2.22 5.99 -12.33
C ASN B 347 2.44 4.57 -12.85
N ASN B 348 3.68 4.28 -13.25
CA ASN B 348 4.01 3.02 -13.86
C ASN B 348 4.34 1.93 -12.86
N VAL B 349 4.71 2.32 -11.63
CA VAL B 349 5.29 1.38 -10.68
C VAL B 349 4.93 1.83 -9.27
N GLN B 350 4.64 0.85 -8.41
CA GLN B 350 4.27 1.08 -7.02
C GLN B 350 5.11 0.19 -6.12
N THR B 351 5.32 0.63 -4.88
CA THR B 351 6.32 0.04 -4.01
C THR B 351 5.71 -0.42 -2.69
N ALA B 352 6.30 -1.49 -2.14
CA ALA B 352 5.90 -2.03 -0.84
C ALA B 352 7.16 -2.40 -0.06
N VAL B 353 7.06 -2.31 1.27
CA VAL B 353 8.21 -2.50 2.15
C VAL B 353 7.82 -3.40 3.32
N CYS B 354 8.69 -4.35 3.66
CA CYS B 354 8.55 -5.21 4.81
C CYS B 354 9.85 -5.18 5.61
N SER B 355 9.73 -4.93 6.92
CA SER B 355 10.90 -4.74 7.75
C SER B 355 11.66 -6.05 8.00
N VAL B 356 10.96 -7.18 7.97
CA VAL B 356 11.61 -8.46 8.23
C VAL B 356 12.48 -8.84 7.04
N ALA B 357 13.69 -9.27 7.31
CA ALA B 357 14.62 -9.69 6.28
C ALA B 357 14.48 -11.19 6.00
N PRO B 358 14.65 -11.60 4.75
CA PRO B 358 14.68 -13.04 4.46
C PRO B 358 15.93 -13.67 5.02
N GLN B 359 15.80 -14.94 5.42
CA GLN B 359 16.89 -15.62 6.11
C GLN B 359 18.13 -15.69 5.22
N GLY B 360 19.25 -15.15 5.72
CA GLY B 360 20.51 -15.15 5.00
C GLY B 360 20.92 -13.82 4.41
N LEU B 361 20.02 -12.82 4.39
CA LEU B 361 20.34 -11.53 3.79
C LEU B 361 19.69 -10.42 4.60
N ASP B 362 20.36 -9.26 4.61
CA ASP B 362 19.80 -8.07 5.25
C ASP B 362 18.79 -7.36 4.36
N MET B 363 18.80 -7.61 3.06
CA MET B 363 17.95 -6.90 2.13
C MET B 363 17.65 -7.77 0.93
N ALA B 364 16.41 -7.72 0.43
CA ALA B 364 16.06 -8.47 -0.78
C ALA B 364 14.81 -7.85 -1.39
N ALA B 365 14.56 -8.18 -2.66
CA ALA B 365 13.40 -7.59 -3.32
C ALA B 365 12.82 -8.51 -4.38
N THR B 366 11.48 -8.49 -4.48
CA THR B 366 10.72 -9.19 -5.50
C THR B 366 10.08 -8.19 -6.45
N PHE B 367 9.92 -8.63 -7.70
CA PHE B 367 9.61 -7.76 -8.82
C PHE B 367 8.46 -8.37 -9.60
N ILE B 368 7.33 -7.68 -9.66
CA ILE B 368 6.16 -8.16 -10.39
C ILE B 368 5.85 -7.14 -11.47
N ALA B 369 6.00 -7.54 -12.74
CA ALA B 369 5.83 -6.64 -13.86
C ALA B 369 4.74 -7.16 -14.79
N ASN B 370 3.82 -6.28 -15.17
CA ASN B 370 2.84 -6.58 -16.21
C ASN B 370 3.32 -5.85 -17.46
N SER B 371 3.89 -6.60 -18.39
CA SER B 371 4.48 -6.04 -19.60
C SER B 371 3.85 -6.70 -20.81
N THR B 372 3.95 -6.01 -21.94
CA THR B 372 3.40 -6.55 -23.19
C THR B 372 4.28 -7.66 -23.75
N SER B 373 5.55 -7.74 -23.32
CA SER B 373 6.46 -8.75 -23.83
C SER B 373 5.96 -10.17 -23.62
N ILE B 374 5.09 -10.38 -22.63
CA ILE B 374 4.56 -11.72 -22.36
C ILE B 374 3.88 -12.28 -23.61
N GLN B 375 3.35 -11.40 -24.47
CA GLN B 375 2.69 -11.86 -25.69
C GLN B 375 3.58 -12.81 -26.48
N GLU B 376 4.89 -12.58 -26.46
CA GLU B 376 5.83 -13.42 -27.20
C GLU B 376 5.58 -14.89 -26.89
N LEU B 377 5.53 -15.24 -25.59
CA LEU B 377 5.31 -16.63 -25.23
C LEU B 377 4.00 -17.14 -25.81
N PHE B 378 2.92 -16.36 -25.63
CA PHE B 378 1.63 -16.76 -26.18
C PHE B 378 1.72 -17.02 -27.67
N LYS B 379 2.53 -16.22 -28.38
CA LYS B 379 2.69 -16.43 -29.82
C LYS B 379 3.36 -17.77 -30.08
N ARG B 380 4.49 -18.02 -29.40
CA ARG B 380 5.29 -19.21 -29.69
C ARG B 380 4.45 -20.47 -29.59
N VAL B 381 3.93 -20.74 -28.39
CA VAL B 381 3.04 -21.88 -28.17
C VAL B 381 1.97 -21.90 -29.25
N GLY B 382 1.34 -20.75 -29.49
CA GLY B 382 0.28 -20.69 -30.49
C GLY B 382 0.72 -21.27 -31.81
N ASP B 383 1.85 -20.79 -32.33
CA ASP B 383 2.37 -21.31 -33.59
C ASP B 383 2.47 -22.83 -33.52
N GLN B 384 3.17 -23.33 -32.51
CA GLN B 384 3.32 -24.77 -32.35
C GLN B 384 1.96 -25.45 -32.40
N PHE B 385 1.03 -24.98 -31.56
CA PHE B 385 -0.30 -25.56 -31.51
C PHE B 385 -0.90 -25.63 -32.91
N SER B 386 -0.94 -24.47 -33.59
CA SER B 386 -1.55 -24.43 -34.92
C SER B 386 -0.91 -25.47 -35.82
N ALA B 387 0.43 -25.50 -35.82
CA ALA B 387 1.14 -26.44 -36.68
C ALA B 387 0.62 -27.86 -36.46
N MET B 388 0.63 -28.31 -35.20
CA MET B 388 0.22 -29.68 -34.96
C MET B 388 -1.25 -29.87 -35.28
N PHE B 389 -2.07 -28.86 -34.95
CA PHE B 389 -3.49 -29.01 -35.23
C PHE B 389 -3.79 -29.00 -36.72
N LYS B 390 -2.86 -28.50 -37.54
CA LYS B 390 -3.06 -28.59 -38.97
C LYS B 390 -3.04 -30.05 -39.43
N ARG B 391 -2.16 -30.86 -38.84
CA ARG B 391 -2.08 -32.27 -39.16
C ARG B 391 -2.98 -33.11 -38.28
N LYS B 392 -3.64 -32.49 -37.29
CA LYS B 392 -4.50 -33.19 -36.33
C LYS B 392 -3.75 -34.34 -35.67
N ALA B 393 -2.45 -34.14 -35.45
CA ALA B 393 -1.61 -35.17 -34.85
C ALA B 393 -1.91 -35.31 -33.37
N PHE B 394 -1.86 -36.55 -32.89
CA PHE B 394 -2.10 -36.91 -31.49
C PHE B 394 -3.55 -36.64 -31.09
N LEU B 395 -4.38 -36.12 -31.99
CA LEU B 395 -5.74 -35.71 -31.66
C LEU B 395 -6.57 -36.87 -31.13
N HIS B 396 -6.32 -38.10 -31.61
CA HIS B 396 -7.16 -39.22 -31.20
C HIS B 396 -7.10 -39.46 -29.69
N TRP B 397 -5.93 -39.23 -29.08
CA TRP B 397 -5.83 -39.34 -27.63
C TRP B 397 -6.79 -38.40 -26.92
N TYR B 398 -6.97 -37.19 -27.48
CA TYR B 398 -7.87 -36.21 -26.86
C TYR B 398 -9.33 -36.48 -27.20
N THR B 399 -9.64 -36.71 -28.49
CA THR B 399 -11.02 -36.88 -28.92
C THR B 399 -11.62 -38.19 -28.43
N SER B 400 -10.78 -39.16 -28.06
CA SER B 400 -11.31 -40.40 -27.49
C SER B 400 -11.90 -40.20 -26.11
N GLU B 401 -11.59 -39.08 -25.44
CA GLU B 401 -12.08 -38.79 -24.11
C GLU B 401 -13.31 -37.90 -24.10
N GLY B 402 -13.87 -37.59 -25.27
CA GLY B 402 -15.03 -36.74 -25.38
C GLY B 402 -14.77 -35.33 -25.89
N MET B 403 -13.54 -35.04 -26.32
CA MET B 403 -13.19 -33.73 -26.85
C MET B 403 -13.77 -33.54 -28.25
N ASP B 404 -13.82 -32.28 -28.67
CA ASP B 404 -14.25 -31.90 -30.01
C ASP B 404 -13.25 -30.91 -30.60
N GLU B 405 -13.13 -30.92 -31.93
CA GLU B 405 -12.24 -29.98 -32.61
C GLU B 405 -12.70 -28.54 -32.40
N LEU B 406 -14.00 -28.34 -32.22
CA LEU B 406 -14.54 -27.01 -31.97
C LEU B 406 -13.92 -26.40 -30.72
N GLU B 407 -13.70 -27.20 -29.68
CA GLU B 407 -13.08 -26.71 -28.46
C GLU B 407 -11.67 -26.22 -28.73
N PHE B 408 -10.87 -27.02 -29.47
CA PHE B 408 -9.52 -26.61 -29.80
C PHE B 408 -9.51 -25.31 -30.60
N SER B 409 -10.40 -25.20 -31.58
CA SER B 409 -10.49 -23.98 -32.37
C SER B 409 -10.84 -22.78 -31.48
N GLU B 410 -11.80 -22.96 -30.57
CA GLU B 410 -12.15 -21.89 -29.64
C GLU B 410 -10.95 -21.48 -28.79
N ALA B 411 -10.17 -22.46 -28.33
CA ALA B 411 -9.01 -22.16 -27.50
C ALA B 411 -7.99 -21.33 -28.29
N GLU B 412 -7.70 -21.74 -29.53
CA GLU B 412 -6.77 -20.96 -30.34
C GLU B 412 -7.29 -19.56 -30.59
N SER B 413 -8.60 -19.42 -30.84
CA SER B 413 -9.18 -18.10 -31.02
C SER B 413 -9.00 -17.23 -29.79
N ASN B 414 -9.20 -17.82 -28.60
CA ASN B 414 -8.99 -17.07 -27.36
C ASN B 414 -7.55 -16.63 -27.20
N MET B 415 -6.61 -17.53 -27.51
CA MET B 415 -5.19 -17.16 -27.46
C MET B 415 -4.89 -15.98 -28.38
N ASN B 416 -5.38 -16.07 -29.63
CA ASN B 416 -5.18 -14.98 -30.58
C ASN B 416 -5.78 -13.68 -30.05
N ASP B 417 -6.95 -13.76 -29.40
CA ASP B 417 -7.56 -12.58 -28.82
C ASP B 417 -6.68 -11.97 -27.74
N LEU B 418 -6.13 -12.81 -26.85
CA LEU B 418 -5.22 -12.31 -25.82
C LEU B 418 -4.04 -11.57 -26.45
N VAL B 419 -3.38 -12.20 -27.43
CA VAL B 419 -2.24 -11.56 -28.08
C VAL B 419 -2.66 -10.24 -28.71
N SER B 420 -3.83 -10.21 -29.33
CA SER B 420 -4.30 -8.99 -29.98
C SER B 420 -4.53 -7.88 -28.97
N GLU B 421 -5.09 -8.20 -27.80
CA GLU B 421 -5.32 -7.18 -26.79
C GLU B 421 -4.00 -6.65 -26.23
N TYR B 422 -3.04 -7.54 -25.98
CA TYR B 422 -1.73 -7.09 -25.53
C TYR B 422 -1.06 -6.20 -26.57
N GLN B 423 -1.24 -6.52 -27.86
CA GLN B 423 -0.74 -5.64 -28.91
C GLN B 423 -1.45 -4.29 -28.87
N GLN B 424 -2.75 -4.29 -28.62
CA GLN B 424 -3.52 -3.05 -28.57
C GLN B 424 -2.99 -2.12 -27.48
N TYR B 425 -2.76 -2.66 -26.29
CA TYR B 425 -2.25 -1.81 -25.22
C TYR B 425 -0.76 -1.51 -25.36
N GLN B 426 -0.02 -2.32 -26.12
CA GLN B 426 1.38 -2.00 -26.40
C GLN B 426 1.47 -0.69 -27.17
N GLU B 427 0.65 -0.54 -28.22
CA GLU B 427 0.51 0.69 -29.00
C GLU B 427 1.84 1.36 -29.36
#